data_3V9K
#
_entry.id   3V9K
#
_cell.length_a   84.820
_cell.length_b   93.954
_cell.length_c   132.241
_cell.angle_alpha   90.000
_cell.angle_beta   90.000
_cell.angle_gamma   90.000
#
_symmetry.space_group_name_H-M   'P 21 21 21'
#
loop_
_entity.id
_entity.type
_entity.pdbx_description
1 polymer 'Delta-1-pyrroline-5-carboxylate dehydrogenase, mitochondrial'
2 non-polymer GLYCEROL
3 non-polymer 'GLUTAMIC ACID'
4 water water
#
_entity_poly.entity_id   1
_entity_poly.type   'polypeptide(L)'
_entity_poly.pdbx_seq_one_letter_code
;MGSSHHHHHHSSGLVPRGSHMLRWKHTSSLKVANEPILAFSQGSPERDALQKALKDLKGQTEAIPCVVGDEEVWTSDIQY
QLSPFNHAHKVAKFCYADKALLNRAIDAALAARKEWDLKPMADRAQVFLKAADMLSGPRRAEVLAKTMVGQGKTVIQAEI
DAAAELIDFFRFNAKFAVELEGEQPISVPPSTNHTVYRGLEGFVAAISPFNFTAIGGNLAGAPALMGNVVLWKPSDTAML
ASYAVYRILREAGLPPNIIQFVPADGPTFGDTVTSSEHLCGINFTGSVPTFKHLWRQVAQNLDRFRTFPRLAGECGGKNF
HFVHSSADVDSVVSGTLRSAFEYGGQKCSACSRLYVPKSLWPQIKGRLLEEHSRIKVGDPAEDFGTFFSAVIDAKAFARI
KKWLEHARSSPSLSILAGGQCNESVGYYVEPCIIESKDPQEPIMKEEIFGPVLTVYVYPDDKYRETLKLVDSTTSYGLTG
AVFAQDKAIVQEATRMLRNAAGNFYINDKSTGSVVGQQPFGGARASGTNDKPGGPHYILRWTSPQVIKETHKPLGDWRYS
YMQ
;
_entity_poly.pdbx_strand_id   A,B
#
# COMPACT_ATOMS: atom_id res chain seq x y z
N LEU A 30 -22.03 -10.81 0.06
CA LEU A 30 -22.86 -9.64 -0.22
C LEU A 30 -22.95 -9.38 -1.72
N LYS A 31 -24.17 -9.33 -2.24
CA LYS A 31 -24.38 -9.09 -3.67
C LYS A 31 -24.80 -7.66 -3.95
N VAL A 32 -24.06 -6.99 -4.83
CA VAL A 32 -24.34 -5.60 -5.17
C VAL A 32 -24.13 -5.33 -6.67
N ALA A 33 -24.95 -4.45 -7.23
CA ALA A 33 -24.84 -4.05 -8.62
C ALA A 33 -24.72 -2.54 -8.68
N ASN A 34 -24.33 -2.00 -9.82
CA ASN A 34 -24.22 -0.55 -9.98
C ASN A 34 -25.57 0.15 -9.92
N GLU A 35 -25.58 1.33 -9.32
CA GLU A 35 -26.77 2.15 -9.27
C GLU A 35 -27.12 2.61 -10.69
N PRO A 36 -28.38 2.49 -11.08
CA PRO A 36 -28.76 3.00 -12.40
C PRO A 36 -28.58 4.51 -12.51
N ILE A 37 -28.15 4.96 -13.68
CA ILE A 37 -28.11 6.37 -14.02
C ILE A 37 -29.46 6.75 -14.59
N LEU A 38 -30.15 7.70 -13.96
CA LEU A 38 -31.49 8.07 -14.39
C LEU A 38 -31.46 9.01 -15.60
N ALA A 39 -32.52 9.00 -16.39
CA ALA A 39 -32.54 9.76 -17.64
C ALA A 39 -33.06 11.18 -17.48
N PHE A 40 -33.80 11.43 -16.41
CA PHE A 40 -34.35 12.77 -16.15
C PHE A 40 -35.19 13.29 -17.29
N SER A 41 -35.99 12.42 -17.88
CA SER A 41 -36.90 12.83 -18.95
CA SER A 41 -36.91 12.81 -18.94
C SER A 41 -38.01 13.73 -18.39
N GLN A 42 -38.64 14.49 -19.28
CA GLN A 42 -39.74 15.36 -18.87
C GLN A 42 -40.83 14.52 -18.21
N GLY A 43 -41.32 14.99 -17.07
CA GLY A 43 -42.38 14.31 -16.35
C GLY A 43 -41.92 13.13 -15.50
N SER A 44 -40.63 12.82 -15.52
CA SER A 44 -40.15 11.70 -14.71
C SER A 44 -40.15 12.08 -13.23
N PRO A 45 -40.28 11.09 -12.35
CA PRO A 45 -40.24 11.36 -10.91
C PRO A 45 -38.93 12.06 -10.52
N GLU A 46 -37.81 11.60 -11.07
CA GLU A 46 -36.52 12.15 -10.66
C GLU A 46 -36.34 13.60 -11.13
N ARG A 47 -36.85 13.94 -12.30
CA ARG A 47 -36.74 15.31 -12.79
C ARG A 47 -37.65 16.23 -11.97
N ASP A 48 -38.86 15.77 -11.67
CA ASP A 48 -39.75 16.55 -10.83
C ASP A 48 -39.10 16.78 -9.46
N ALA A 49 -38.55 15.72 -8.87
CA ALA A 49 -37.94 15.83 -7.55
C ALA A 49 -36.72 16.76 -7.56
N LEU A 50 -35.91 16.67 -8.61
CA LEU A 50 -34.73 17.52 -8.70
C LEU A 50 -35.13 18.99 -8.86
N GLN A 51 -36.11 19.25 -9.70
CA GLN A 51 -36.57 20.62 -9.89
C GLN A 51 -37.05 21.22 -8.57
N LYS A 52 -37.75 20.42 -7.76
CA LYS A 52 -38.22 20.88 -6.46
C LYS A 52 -37.04 21.18 -5.54
N ALA A 53 -36.06 20.28 -5.53
CA ALA A 53 -34.90 20.44 -4.66
C ALA A 53 -34.09 21.69 -5.04
N LEU A 54 -33.98 21.94 -6.34
CA LEU A 54 -33.32 23.14 -6.83
C LEU A 54 -34.05 24.40 -6.37
N LYS A 55 -35.38 24.38 -6.47
CA LYS A 55 -36.20 25.49 -6.02
C LYS A 55 -35.99 25.70 -4.52
N ASP A 56 -35.89 24.61 -3.77
CA ASP A 56 -35.68 24.65 -2.33
C ASP A 56 -34.38 25.39 -1.95
N LEU A 57 -33.36 25.28 -2.82
CA LEU A 57 -32.05 25.87 -2.55
C LEU A 57 -31.89 27.27 -3.09
N LYS A 58 -32.78 27.66 -4.00
CA LYS A 58 -32.69 28.99 -4.58
C LYS A 58 -32.78 30.03 -3.46
N GLY A 59 -31.79 30.91 -3.43
CA GLY A 59 -31.77 31.95 -2.42
C GLY A 59 -31.45 31.49 -1.00
N GLN A 60 -31.11 30.21 -0.81
CA GLN A 60 -30.82 29.73 0.54
C GLN A 60 -29.32 29.75 0.88
N THR A 61 -29.02 30.09 2.13
CA THR A 61 -27.68 29.90 2.69
C THR A 61 -27.79 28.98 3.90
N GLU A 62 -27.07 27.86 3.86
CA GLU A 62 -27.02 26.97 5.03
C GLU A 62 -25.82 27.32 5.91
N ALA A 63 -26.09 27.47 7.20
CA ALA A 63 -25.01 27.66 8.18
C ALA A 63 -24.53 26.28 8.63
N ILE A 64 -23.32 25.92 8.21
CA ILE A 64 -22.77 24.60 8.41
C ILE A 64 -21.66 24.64 9.45
N PRO A 65 -21.89 24.00 10.61
CA PRO A 65 -20.93 24.03 11.70
C PRO A 65 -19.86 22.97 11.49
N CYS A 66 -18.76 23.05 12.23
CA CYS A 66 -17.90 21.89 12.39
C CYS A 66 -18.66 20.92 13.27
N VAL A 67 -18.43 19.62 13.09
CA VAL A 67 -19.09 18.63 13.92
C VAL A 67 -18.03 17.73 14.54
N VAL A 68 -17.92 17.79 15.86
CA VAL A 68 -17.02 16.93 16.61
C VAL A 68 -17.89 16.11 17.54
N GLY A 69 -17.92 14.80 17.34
CA GLY A 69 -18.89 13.95 18.02
C GLY A 69 -20.28 14.32 17.55
N ASP A 70 -21.12 14.76 18.48
CA ASP A 70 -22.43 15.31 18.16
C ASP A 70 -22.48 16.80 18.43
N GLU A 71 -21.34 17.38 18.75
CA GLU A 71 -21.27 18.82 19.03
C GLU A 71 -21.12 19.63 17.74
N GLU A 72 -22.03 20.59 17.55
CA GLU A 72 -21.91 21.54 16.47
C GLU A 72 -21.12 22.74 16.97
N VAL A 73 -19.97 22.98 16.37
CA VAL A 73 -19.03 23.98 16.88
C VAL A 73 -18.78 25.06 15.86
N TRP A 74 -18.88 26.31 16.33
CA TRP A 74 -18.54 27.46 15.52
C TRP A 74 -17.29 28.15 16.04
N THR A 75 -16.40 28.49 15.12
CA THR A 75 -15.26 29.34 15.42
C THR A 75 -15.53 30.71 14.82
N SER A 76 -14.65 31.66 15.10
CA SER A 76 -14.82 33.01 14.56
C SER A 76 -14.31 33.13 13.13
N ASP A 77 -13.70 32.06 12.62
CA ASP A 77 -13.10 32.11 11.29
C ASP A 77 -14.14 31.71 10.24
N ILE A 78 -15.06 32.63 10.01
CA ILE A 78 -16.20 32.41 9.12
C ILE A 78 -15.79 32.44 7.65
N GLN A 79 -16.35 31.49 6.90
CA GLN A 79 -16.06 31.35 5.48
C GLN A 79 -17.38 31.16 4.72
N TYR A 80 -17.35 31.44 3.43
CA TYR A 80 -18.54 31.25 2.59
C TYR A 80 -18.25 30.42 1.36
N GLN A 81 -19.21 29.57 1.01
CA GLN A 81 -19.19 28.86 -0.26
C GLN A 81 -20.13 29.61 -1.21
N LEU A 82 -19.64 29.93 -2.39
CA LEU A 82 -20.43 30.68 -3.37
C LEU A 82 -20.88 29.77 -4.50
N SER A 83 -22.04 30.06 -5.09
CA SER A 83 -22.49 29.31 -6.24
C SER A 83 -21.67 29.73 -7.45
N PRO A 84 -21.00 28.77 -8.11
CA PRO A 84 -20.01 29.20 -9.11
C PRO A 84 -20.60 30.02 -10.25
N PHE A 85 -21.84 29.73 -10.64
CA PHE A 85 -22.47 30.41 -11.75
C PHE A 85 -23.26 31.66 -11.31
N ASN A 86 -23.29 31.93 -10.02
CA ASN A 86 -23.95 33.12 -9.50
C ASN A 86 -23.30 33.40 -8.17
N HIS A 87 -22.11 34.00 -8.20
CA HIS A 87 -21.30 34.08 -6.99
C HIS A 87 -21.82 35.07 -5.94
N ALA A 88 -22.83 35.86 -6.31
CA ALA A 88 -23.53 36.66 -5.32
C ALA A 88 -24.35 35.78 -4.38
N HIS A 89 -24.61 34.54 -4.78
CA HIS A 89 -25.36 33.60 -3.95
C HIS A 89 -24.41 32.84 -3.05
N LYS A 90 -24.45 33.15 -1.76
CA LYS A 90 -23.68 32.38 -0.78
C LYS A 90 -24.51 31.16 -0.43
N VAL A 91 -24.07 29.98 -0.88
CA VAL A 91 -24.87 28.78 -0.66
C VAL A 91 -24.65 28.22 0.73
N ALA A 92 -23.52 28.55 1.35
CA ALA A 92 -23.24 28.09 2.70
C ALA A 92 -22.36 29.07 3.43
N LYS A 93 -22.59 29.17 4.74
CA LYS A 93 -21.67 29.85 5.65
C LYS A 93 -21.13 28.76 6.53
N PHE A 94 -19.81 28.68 6.64
CA PHE A 94 -19.20 27.66 7.47
C PHE A 94 -18.04 28.30 8.24
N CYS A 95 -17.24 27.50 8.91
CA CYS A 95 -16.10 28.06 9.61
C CYS A 95 -14.93 27.11 9.60
N TYR A 96 -13.74 27.67 9.76
CA TYR A 96 -12.52 26.87 9.82
C TYR A 96 -12.24 26.41 11.25
N ALA A 97 -12.05 25.12 11.44
CA ALA A 97 -11.61 24.62 12.74
C ALA A 97 -10.21 25.12 13.00
N ASP A 98 -9.96 25.64 14.20
CA ASP A 98 -8.60 26.02 14.56
C ASP A 98 -7.82 24.82 15.10
N LYS A 99 -6.54 25.03 15.37
CA LYS A 99 -5.69 23.96 15.86
C LYS A 99 -6.27 23.31 17.11
N ALA A 100 -6.75 24.14 18.03
CA ALA A 100 -7.36 23.62 19.26
C ALA A 100 -8.55 22.71 18.98
N LEU A 101 -9.44 23.13 18.08
CA LEU A 101 -10.61 22.32 17.79
C LEU A 101 -10.22 21.02 17.07
N LEU A 102 -9.28 21.12 16.13
CA LEU A 102 -8.79 19.93 15.43
C LEU A 102 -8.20 18.93 16.42
N ASN A 103 -7.45 19.42 17.38
CA ASN A 103 -6.86 18.53 18.38
C ASN A 103 -7.90 17.89 19.29
N ARG A 104 -8.93 18.66 19.66
CA ARG A 104 -10.04 18.07 20.40
C ARG A 104 -10.75 17.02 19.56
N ALA A 105 -10.82 17.25 18.24
CA ALA A 105 -11.48 16.31 17.35
C ALA A 105 -10.67 15.01 17.28
N ILE A 106 -9.35 15.12 17.23
CA ILE A 106 -8.47 13.95 17.28
C ILE A 106 -8.71 13.19 18.57
N ASP A 107 -8.69 13.90 19.70
CA ASP A 107 -8.84 13.24 21.00
C ASP A 107 -10.14 12.45 21.09
N ALA A 108 -11.23 13.09 20.67
CA ALA A 108 -12.54 12.46 20.75
C ALA A 108 -12.65 11.26 19.82
N ALA A 109 -12.09 11.40 18.62
CA ALA A 109 -12.10 10.30 17.67
C ALA A 109 -11.31 9.11 18.21
N LEU A 110 -10.12 9.38 18.76
CA LEU A 110 -9.30 8.28 19.26
C LEU A 110 -10.01 7.51 20.35
N ALA A 111 -10.80 8.22 21.17
CA ALA A 111 -11.49 7.55 22.28
C ALA A 111 -12.66 6.68 21.81
N ALA A 112 -13.15 6.92 20.60
CA ALA A 112 -14.26 6.16 20.04
C ALA A 112 -13.78 4.99 19.18
N ARG A 113 -12.50 5.00 18.83
CA ARG A 113 -11.99 4.08 17.82
C ARG A 113 -12.04 2.60 18.22
N LYS A 114 -11.64 2.28 19.44
CA LYS A 114 -11.56 0.88 19.84
C LYS A 114 -12.91 0.16 19.68
N GLU A 115 -13.97 0.77 20.18
CA GLU A 115 -15.29 0.15 20.11
C GLU A 115 -15.75 -0.03 18.67
N TRP A 116 -15.50 0.97 17.85
CA TRP A 116 -15.89 0.93 16.44
C TRP A 116 -15.13 -0.17 15.68
N ASP A 117 -13.83 -0.25 15.94
CA ASP A 117 -12.98 -1.24 15.32
C ASP A 117 -13.37 -2.65 15.75
N LEU A 118 -13.84 -2.78 16.99
CA LEU A 118 -14.28 -4.08 17.51
C LEU A 118 -15.63 -4.54 16.94
N LYS A 119 -16.40 -3.63 16.37
CA LYS A 119 -17.65 -4.00 15.70
C LYS A 119 -17.38 -4.99 14.57
N PRO A 120 -18.31 -5.93 14.36
CA PRO A 120 -18.20 -6.80 13.20
C PRO A 120 -18.22 -5.99 11.91
N MET A 121 -17.44 -6.41 10.92
CA MET A 121 -17.37 -5.71 9.64
C MET A 121 -18.78 -5.48 9.07
N ALA A 122 -19.62 -6.51 9.15
CA ALA A 122 -20.98 -6.42 8.63
C ALA A 122 -21.80 -5.31 9.26
N ASP A 123 -21.57 -5.06 10.55
CA ASP A 123 -22.30 -4.03 11.26
C ASP A 123 -21.87 -2.63 10.79
N ARG A 124 -20.58 -2.46 10.55
CA ARG A 124 -20.11 -1.21 9.98
C ARG A 124 -20.62 -1.06 8.54
N ALA A 125 -20.59 -2.13 7.77
CA ALA A 125 -21.05 -2.10 6.39
C ALA A 125 -22.50 -1.63 6.34
N GLN A 126 -23.29 -2.04 7.32
CA GLN A 126 -24.72 -1.72 7.30
C GLN A 126 -24.98 -0.22 7.26
N VAL A 127 -24.13 0.56 7.93
CA VAL A 127 -24.27 2.01 7.92
C VAL A 127 -24.17 2.54 6.49
N PHE A 128 -23.19 2.02 5.75
CA PHE A 128 -22.96 2.48 4.39
C PHE A 128 -24.00 1.97 3.40
N LEU A 129 -24.51 0.76 3.63
CA LEU A 129 -25.58 0.25 2.80
C LEU A 129 -26.87 1.08 3.00
N LYS A 130 -27.16 1.44 4.25
CA LYS A 130 -28.32 2.28 4.55
C LYS A 130 -28.15 3.66 3.92
N ALA A 131 -26.96 4.24 4.07
CA ALA A 131 -26.68 5.53 3.45
C ALA A 131 -26.88 5.47 1.94
N ALA A 132 -26.39 4.40 1.32
CA ALA A 132 -26.57 4.22 -0.11
C ALA A 132 -28.06 4.20 -0.51
N ASP A 133 -28.87 3.49 0.25
CA ASP A 133 -30.30 3.44 -0.06
C ASP A 133 -30.95 4.82 0.09
N MET A 134 -30.50 5.58 1.08
CA MET A 134 -31.04 6.93 1.28
C MET A 134 -30.68 7.82 0.11
N LEU A 135 -29.42 7.75 -0.32
CA LEU A 135 -28.94 8.53 -1.47
C LEU A 135 -29.65 8.13 -2.77
N SER A 136 -29.92 6.84 -2.91
CA SER A 136 -30.61 6.36 -4.12
C SER A 136 -32.03 6.89 -4.25
N GLY A 137 -32.73 6.93 -3.12
CA GLY A 137 -34.14 7.28 -3.08
C GLY A 137 -34.43 8.66 -2.55
N PRO A 138 -34.78 8.76 -1.27
CA PRO A 138 -35.34 10.00 -0.71
C PRO A 138 -34.37 11.18 -0.69
N ARG A 139 -33.06 10.93 -0.70
CA ARG A 139 -32.10 12.04 -0.63
C ARG A 139 -31.41 12.33 -1.95
N ARG A 140 -31.80 11.61 -3.01
CA ARG A 140 -31.12 11.76 -4.29
C ARG A 140 -31.21 13.19 -4.80
N ALA A 141 -32.42 13.75 -4.81
CA ALA A 141 -32.63 15.09 -5.32
C ALA A 141 -31.83 16.12 -4.55
N GLU A 142 -31.81 15.97 -3.22
CA GLU A 142 -31.07 16.88 -2.35
C GLU A 142 -29.58 16.90 -2.70
N VAL A 143 -28.95 15.72 -2.76
CA VAL A 143 -27.50 15.72 -2.99
C VAL A 143 -27.15 16.16 -4.40
N LEU A 144 -28.00 15.84 -5.36
CA LEU A 144 -27.81 16.33 -6.71
C LEU A 144 -27.91 17.85 -6.73
N ALA A 145 -28.98 18.39 -6.16
CA ALA A 145 -29.21 19.83 -6.21
C ALA A 145 -28.09 20.60 -5.51
N LYS A 146 -27.62 20.07 -4.39
CA LYS A 146 -26.56 20.74 -3.64
C LYS A 146 -25.24 20.72 -4.40
N THR A 147 -25.00 19.64 -5.14
CA THR A 147 -23.83 19.54 -6.00
C THR A 147 -23.95 20.49 -7.20
N MET A 148 -25.15 20.60 -7.75
CA MET A 148 -25.37 21.54 -8.85
C MET A 148 -25.15 22.98 -8.40
N VAL A 149 -25.86 23.39 -7.36
CA VAL A 149 -25.82 24.79 -6.94
C VAL A 149 -24.49 25.19 -6.30
N GLY A 150 -23.90 24.27 -5.54
CA GLY A 150 -22.67 24.56 -4.82
C GLY A 150 -21.38 24.35 -5.61
N GLN A 151 -21.37 23.35 -6.49
CA GLN A 151 -20.17 23.07 -7.27
C GLN A 151 -20.33 23.38 -8.77
N GLY A 152 -21.54 23.80 -9.17
CA GLY A 152 -21.76 24.21 -10.55
C GLY A 152 -21.98 23.10 -11.56
N LYS A 153 -22.34 21.91 -11.08
CA LYS A 153 -22.57 20.78 -11.99
C LYS A 153 -23.93 20.84 -12.68
N THR A 154 -24.00 20.31 -13.89
CA THR A 154 -25.27 20.09 -14.57
C THR A 154 -25.95 18.85 -13.98
N VAL A 155 -27.21 18.64 -14.37
CA VAL A 155 -27.98 17.50 -13.88
C VAL A 155 -27.19 16.20 -14.01
N ILE A 156 -26.72 15.89 -15.21
CA ILE A 156 -26.11 14.58 -15.40
C ILE A 156 -24.77 14.46 -14.66
N GLN A 157 -24.00 15.55 -14.60
CA GLN A 157 -22.74 15.49 -13.86
C GLN A 157 -22.98 15.30 -12.36
N ALA A 158 -24.06 15.90 -11.83
CA ALA A 158 -24.40 15.67 -10.43
C ALA A 158 -24.89 14.24 -10.22
N GLU A 159 -25.72 13.77 -11.16
CA GLU A 159 -26.26 12.42 -11.10
C GLU A 159 -25.20 11.32 -11.06
N ILE A 160 -24.20 11.41 -11.94
CA ILE A 160 -23.17 10.38 -11.98
C ILE A 160 -22.24 10.44 -10.77
N ASP A 161 -22.28 11.57 -10.06
CA ASP A 161 -21.36 11.85 -8.96
C ASP A 161 -22.04 11.62 -7.61
N ALA A 162 -22.83 12.59 -7.18
CA ALA A 162 -23.40 12.58 -5.85
C ALA A 162 -24.37 11.42 -5.62
N ALA A 163 -25.00 10.95 -6.70
CA ALA A 163 -25.81 9.73 -6.62
C ALA A 163 -24.99 8.49 -7.01
N ALA A 164 -24.87 8.22 -8.30
CA ALA A 164 -24.33 6.92 -8.73
C ALA A 164 -22.96 6.55 -8.16
N GLU A 165 -21.96 7.41 -8.33
CA GLU A 165 -20.62 7.03 -7.90
C GLU A 165 -20.54 6.86 -6.38
N LEU A 166 -21.17 7.77 -5.65
CA LEU A 166 -21.13 7.72 -4.21
C LEU A 166 -21.85 6.47 -3.69
N ILE A 167 -23.03 6.23 -4.23
CA ILE A 167 -23.81 5.04 -3.90
C ILE A 167 -22.97 3.79 -4.21
N ASP A 168 -22.33 3.79 -5.38
CA ASP A 168 -21.51 2.65 -5.75
C ASP A 168 -20.30 2.46 -4.83
N PHE A 169 -19.62 3.54 -4.44
CA PHE A 169 -18.51 3.41 -3.49
C PHE A 169 -19.01 2.73 -2.23
N PHE A 170 -20.14 3.21 -1.71
CA PHE A 170 -20.66 2.68 -0.46
C PHE A 170 -21.06 1.20 -0.60
N ARG A 171 -21.76 0.85 -1.67
CA ARG A 171 -22.20 -0.53 -1.80
C ARG A 171 -21.05 -1.48 -2.15
N PHE A 172 -20.22 -1.09 -3.11
CA PHE A 172 -19.12 -1.96 -3.52
C PHE A 172 -18.07 -2.12 -2.42
N ASN A 173 -17.69 -1.03 -1.76
CA ASN A 173 -16.73 -1.16 -0.68
C ASN A 173 -17.28 -2.00 0.46
N ALA A 174 -18.57 -1.87 0.74
CA ALA A 174 -19.19 -2.75 1.74
C ALA A 174 -19.06 -4.21 1.35
N LYS A 175 -19.35 -4.52 0.08
CA LYS A 175 -19.18 -5.89 -0.42
C LYS A 175 -17.74 -6.34 -0.32
N PHE A 176 -16.82 -5.51 -0.77
CA PHE A 176 -15.40 -5.86 -0.72
C PHE A 176 -14.96 -6.14 0.71
N ALA A 177 -15.44 -5.32 1.65
CA ALA A 177 -15.02 -5.45 3.03
C ALA A 177 -15.55 -6.73 3.69
N VAL A 178 -16.82 -7.04 3.43
CA VAL A 178 -17.43 -8.22 4.03
C VAL A 178 -16.78 -9.46 3.44
N GLU A 179 -16.48 -9.39 2.15
CA GLU A 179 -15.83 -10.53 1.50
C GLU A 179 -14.37 -10.67 1.94
N LEU A 180 -13.72 -9.57 2.27
CA LEU A 180 -12.34 -9.63 2.74
C LEU A 180 -12.24 -10.46 4.01
N GLU A 181 -13.22 -10.35 4.89
CA GLU A 181 -13.22 -11.14 6.10
C GLU A 181 -13.21 -12.64 5.82
N GLY A 182 -13.65 -13.02 4.62
CA GLY A 182 -13.64 -14.42 4.22
C GLY A 182 -12.28 -14.89 3.72
N GLU A 183 -11.36 -13.96 3.53
CA GLU A 183 -10.00 -14.33 3.15
C GLU A 183 -9.23 -14.73 4.40
N GLN A 184 -9.12 -16.04 4.61
CA GLN A 184 -8.56 -16.58 5.84
C GLN A 184 -7.44 -17.55 5.56
N PRO A 185 -6.50 -17.68 6.50
CA PRO A 185 -5.34 -18.52 6.24
C PRO A 185 -5.63 -20.01 6.43
N ILE A 186 -4.63 -20.82 6.15
CA ILE A 186 -4.72 -22.27 6.31
C ILE A 186 -4.55 -22.65 7.77
N SER A 187 -5.42 -23.52 8.27
CA SER A 187 -5.26 -24.09 9.60
C SER A 187 -4.82 -25.54 9.49
N VAL A 188 -3.83 -25.92 10.29
CA VAL A 188 -3.36 -27.29 10.34
C VAL A 188 -3.40 -27.77 11.79
N PRO A 189 -4.09 -28.89 12.05
CA PRO A 189 -4.10 -29.41 13.41
C PRO A 189 -2.68 -29.48 13.97
N PRO A 190 -2.50 -29.18 15.26
CA PRO A 190 -3.53 -28.88 16.25
C PRO A 190 -3.74 -27.38 16.46
N SER A 191 -3.64 -26.59 15.40
CA SER A 191 -3.81 -25.15 15.54
C SER A 191 -4.86 -24.56 14.61
N THR A 192 -5.48 -23.46 15.05
CA THR A 192 -6.42 -22.75 14.22
C THR A 192 -5.91 -21.33 13.97
N ASN A 193 -5.90 -20.93 12.71
CA ASN A 193 -5.44 -19.59 12.35
C ASN A 193 -6.57 -18.73 11.82
N HIS A 194 -6.59 -17.46 12.24
CA HIS A 194 -7.63 -16.54 11.81
C HIS A 194 -7.04 -15.15 11.61
N THR A 195 -7.42 -14.49 10.53
CA THR A 195 -7.02 -13.10 10.31
C THR A 195 -8.11 -12.14 10.77
N VAL A 196 -7.70 -11.17 11.59
CA VAL A 196 -8.53 -10.08 12.03
C VAL A 196 -8.12 -8.84 11.23
N TYR A 197 -9.03 -8.31 10.43
CA TYR A 197 -8.71 -7.14 9.64
C TYR A 197 -8.92 -5.89 10.50
N ARG A 198 -7.91 -5.57 11.30
CA ARG A 198 -7.96 -4.41 12.20
C ARG A 198 -7.97 -3.11 11.42
N GLY A 199 -8.70 -2.13 11.91
CA GLY A 199 -8.50 -0.78 11.41
C GLY A 199 -7.11 -0.33 11.80
N LEU A 200 -6.64 0.74 11.18
CA LEU A 200 -5.35 1.30 11.56
C LEU A 200 -5.46 1.92 12.95
N GLU A 201 -4.39 1.83 13.73
CA GLU A 201 -4.41 2.40 15.08
C GLU A 201 -3.99 3.86 15.04
N GLY A 202 -4.90 4.74 15.44
CA GLY A 202 -4.67 6.17 15.35
C GLY A 202 -5.87 6.79 14.66
N PHE A 203 -5.68 7.94 14.02
CA PHE A 203 -6.75 8.52 13.20
C PHE A 203 -6.26 8.77 11.78
N VAL A 204 -7.21 8.77 10.85
CA VAL A 204 -6.94 9.03 9.46
C VAL A 204 -7.43 10.44 9.12
N ALA A 205 -6.61 11.20 8.40
CA ALA A 205 -7.03 12.50 7.90
C ALA A 205 -7.50 12.37 6.47
N ALA A 206 -8.76 12.73 6.21
CA ALA A 206 -9.31 12.66 4.86
C ALA A 206 -9.43 14.07 4.31
N ILE A 207 -8.81 14.30 3.16
CA ILE A 207 -8.72 15.63 2.56
C ILE A 207 -9.27 15.56 1.15
N SER A 208 -10.46 16.11 0.93
CA SER A 208 -11.18 15.87 -0.32
C SER A 208 -11.27 17.10 -1.22
N PRO A 209 -11.47 16.87 -2.53
CA PRO A 209 -11.41 17.94 -3.53
C PRO A 209 -12.79 18.50 -3.86
N PHE A 210 -12.79 19.63 -4.56
CA PHE A 210 -14.05 20.28 -4.86
C PHE A 210 -14.88 19.55 -5.90
N ASN A 211 -14.22 18.74 -6.72
CA ASN A 211 -14.80 18.40 -8.03
C ASN A 211 -15.75 17.20 -8.08
N PHE A 212 -15.71 16.36 -7.06
CA PHE A 212 -16.67 15.26 -6.95
C PHE A 212 -17.13 15.12 -5.51
N THR A 213 -18.43 15.25 -5.31
CA THR A 213 -19.02 14.98 -4.02
C THR A 213 -18.72 13.54 -3.58
N ALA A 214 -18.73 12.62 -4.52
CA ALA A 214 -18.53 11.21 -4.21
C ALA A 214 -17.14 10.94 -3.65
N ILE A 215 -16.14 11.67 -4.11
CA ILE A 215 -14.78 11.42 -3.63
C ILE A 215 -14.66 11.73 -2.15
N GLY A 216 -15.27 12.82 -1.70
CA GLY A 216 -15.29 13.13 -0.28
C GLY A 216 -15.91 12.01 0.54
N GLY A 217 -17.06 11.50 0.08
CA GLY A 217 -17.71 10.40 0.76
C GLY A 217 -16.82 9.17 0.83
N ASN A 218 -16.13 8.87 -0.25
CA ASN A 218 -15.24 7.71 -0.28
C ASN A 218 -13.98 7.92 0.59
N LEU A 219 -13.39 9.11 0.52
CA LEU A 219 -12.14 9.35 1.24
C LEU A 219 -12.31 9.23 2.75
N ALA A 220 -13.44 9.71 3.26
CA ALA A 220 -13.75 9.59 4.68
C ALA A 220 -14.42 8.26 4.99
N GLY A 221 -15.28 7.82 4.08
CA GLY A 221 -16.11 6.65 4.33
C GLY A 221 -15.40 5.32 4.24
N ALA A 222 -14.51 5.15 3.26
CA ALA A 222 -13.84 3.87 3.12
C ALA A 222 -12.97 3.54 4.35
N PRO A 223 -12.18 4.51 4.84
CA PRO A 223 -11.44 4.17 6.07
C PRO A 223 -12.38 3.90 7.25
N ALA A 224 -13.44 4.68 7.40
CA ALA A 224 -14.37 4.43 8.50
C ALA A 224 -14.97 3.03 8.42
N LEU A 225 -15.33 2.61 7.20
CA LEU A 225 -15.85 1.26 6.98
C LEU A 225 -14.90 0.19 7.53
N MET A 226 -13.60 0.42 7.38
CA MET A 226 -12.60 -0.55 7.79
C MET A 226 -12.20 -0.41 9.27
N GLY A 227 -12.98 0.35 10.04
CA GLY A 227 -12.76 0.43 11.48
C GLY A 227 -11.89 1.59 11.93
N ASN A 228 -11.60 2.51 11.02
CA ASN A 228 -10.81 3.70 11.36
C ASN A 228 -11.70 4.82 11.84
N VAL A 229 -11.09 5.77 12.54
CA VAL A 229 -11.74 7.05 12.83
C VAL A 229 -11.06 8.13 12.00
N VAL A 230 -11.81 9.17 11.64
CA VAL A 230 -11.41 10.08 10.58
C VAL A 230 -11.66 11.54 10.93
N LEU A 231 -10.68 12.39 10.68
CA LEU A 231 -10.94 13.82 10.58
C LEU A 231 -11.11 14.15 9.11
N TRP A 232 -12.31 14.56 8.73
CA TRP A 232 -12.60 14.87 7.33
C TRP A 232 -12.59 16.37 7.14
N LYS A 233 -11.62 16.85 6.37
CA LYS A 233 -11.58 18.23 5.89
C LYS A 233 -12.16 18.26 4.50
N PRO A 234 -13.43 18.67 4.36
CA PRO A 234 -14.03 18.72 3.04
C PRO A 234 -13.55 19.96 2.29
N SER A 235 -13.71 19.96 0.98
CA SER A 235 -13.34 21.12 0.19
C SER A 235 -14.27 22.31 0.47
N ASP A 236 -13.70 23.50 0.68
CA ASP A 236 -14.47 24.72 0.90
C ASP A 236 -15.53 24.89 -0.19
N THR A 237 -15.14 24.62 -1.43
CA THR A 237 -16.01 24.89 -2.56
C THR A 237 -17.01 23.77 -2.84
N ALA A 238 -17.03 22.75 -1.98
CA ALA A 238 -18.02 21.67 -2.06
C ALA A 238 -18.67 21.45 -0.70
N MET A 239 -18.70 22.50 0.12
CA MET A 239 -19.10 22.32 1.51
C MET A 239 -20.55 21.86 1.64
N LEU A 240 -21.44 22.48 0.88
CA LEU A 240 -22.87 22.20 0.98
C LEU A 240 -23.18 20.73 0.75
N ALA A 241 -22.72 20.18 -0.37
CA ALA A 241 -23.01 18.79 -0.67
C ALA A 241 -22.24 17.85 0.25
N SER A 242 -21.04 18.23 0.64
CA SER A 242 -20.25 17.39 1.54
C SER A 242 -20.95 17.24 2.88
N TYR A 243 -21.46 18.34 3.42
CA TYR A 243 -22.17 18.25 4.69
C TYR A 243 -23.44 17.41 4.56
N ALA A 244 -24.10 17.49 3.40
CA ALA A 244 -25.30 16.68 3.16
C ALA A 244 -24.97 15.19 3.26
N VAL A 245 -23.84 14.79 2.66
CA VAL A 245 -23.40 13.42 2.76
C VAL A 245 -23.07 13.06 4.22
N TYR A 246 -22.38 13.95 4.91
CA TYR A 246 -22.03 13.72 6.31
C TYR A 246 -23.29 13.44 7.13
N ARG A 247 -24.30 14.30 6.98
CA ARG A 247 -25.53 14.14 7.76
C ARG A 247 -26.23 12.83 7.41
N ILE A 248 -26.21 12.46 6.15
CA ILE A 248 -26.80 11.19 5.73
C ILE A 248 -26.11 10.00 6.41
N LEU A 249 -24.77 10.03 6.46
CA LEU A 249 -24.03 9.00 7.18
C LEU A 249 -24.42 8.92 8.65
N ARG A 250 -24.53 10.07 9.31
CA ARG A 250 -24.93 10.05 10.72
C ARG A 250 -26.33 9.48 10.89
N GLU A 251 -27.26 9.90 10.03
CA GLU A 251 -28.64 9.42 10.09
C GLU A 251 -28.72 7.92 9.78
N ALA A 252 -27.79 7.44 8.96
CA ALA A 252 -27.74 6.03 8.58
C ALA A 252 -27.16 5.16 9.68
N GLY A 253 -26.72 5.79 10.77
CA GLY A 253 -26.25 5.04 11.93
C GLY A 253 -24.78 5.20 12.30
N LEU A 254 -24.05 6.04 11.59
CA LEU A 254 -22.65 6.25 11.97
C LEU A 254 -22.60 6.86 13.38
N PRO A 255 -21.90 6.19 14.31
CA PRO A 255 -21.81 6.71 15.68
C PRO A 255 -21.01 8.00 15.77
N PRO A 256 -21.16 8.74 16.88
CA PRO A 256 -20.39 9.99 17.03
C PRO A 256 -18.90 9.69 17.12
N ASN A 257 -18.10 10.64 16.63
CA ASN A 257 -16.64 10.60 16.74
C ASN A 257 -15.95 9.59 15.84
N ILE A 258 -16.69 9.04 14.87
CA ILE A 258 -16.08 8.16 13.89
C ILE A 258 -15.61 8.97 12.69
N ILE A 259 -16.46 9.89 12.21
CA ILE A 259 -16.02 10.88 11.25
C ILE A 259 -16.31 12.27 11.83
N GLN A 260 -15.25 13.05 11.99
CA GLN A 260 -15.40 14.43 12.46
C GLN A 260 -15.46 15.31 11.22
N PHE A 261 -16.44 16.20 11.18
CA PHE A 261 -16.63 17.10 10.04
C PHE A 261 -15.91 18.42 10.35
N VAL A 262 -14.71 18.57 9.82
CA VAL A 262 -13.84 19.67 10.23
C VAL A 262 -13.22 20.45 9.06
N PRO A 263 -14.04 21.28 8.41
CA PRO A 263 -13.50 22.27 7.47
C PRO A 263 -12.39 23.03 8.16
N ALA A 264 -11.38 23.43 7.40
CA ALA A 264 -10.24 24.11 7.97
C ALA A 264 -9.37 24.69 6.87
N ASP A 265 -8.56 25.68 7.24
CA ASP A 265 -7.53 26.19 6.35
C ASP A 265 -6.59 25.04 6.01
N GLY A 266 -6.22 24.91 4.73
CA GLY A 266 -5.43 23.79 4.27
C GLY A 266 -4.13 23.58 5.04
N PRO A 267 -3.26 24.59 5.05
CA PRO A 267 -1.99 24.46 5.75
C PRO A 267 -2.20 24.18 7.24
N THR A 268 -3.18 24.83 7.86
CA THR A 268 -3.44 24.62 9.27
C THR A 268 -3.84 23.17 9.55
N PHE A 269 -4.71 22.64 8.69
CA PHE A 269 -5.14 21.27 8.86
C PHE A 269 -3.98 20.29 8.70
N GLY A 270 -3.19 20.47 7.64
CA GLY A 270 -2.06 19.60 7.37
C GLY A 270 -1.04 19.67 8.49
N ASP A 271 -0.72 20.88 8.93
CA ASP A 271 0.21 21.08 10.03
C ASP A 271 -0.26 20.36 11.29
N THR A 272 -1.54 20.50 11.60
CA THR A 272 -2.06 19.94 12.83
C THR A 272 -2.07 18.43 12.79
N VAL A 273 -2.60 17.84 11.72
CA VAL A 273 -2.66 16.39 11.70
C VAL A 273 -1.27 15.74 11.61
N THR A 274 -0.35 16.34 10.86
CA THR A 274 1.00 15.77 10.75
C THR A 274 1.83 15.98 12.02
N SER A 275 1.32 16.81 12.93
CA SER A 275 1.99 17.04 14.22
C SER A 275 1.51 16.11 15.32
N SER A 276 0.48 15.32 15.05
CA SER A 276 -0.07 14.41 16.05
C SER A 276 0.61 13.07 16.03
N GLU A 277 1.08 12.63 17.21
CA GLU A 277 1.67 11.30 17.32
C GLU A 277 0.70 10.20 16.89
N HIS A 278 -0.60 10.51 16.80
CA HIS A 278 -1.61 9.49 16.52
C HIS A 278 -2.05 9.41 15.06
N LEU A 279 -1.45 10.21 14.20
CA LEU A 279 -1.77 10.13 12.79
C LEU A 279 -1.38 8.76 12.24
N CYS A 280 -2.32 8.08 11.59
CA CYS A 280 -1.96 6.78 11.01
C CYS A 280 -2.23 6.70 9.52
N GLY A 281 -2.86 7.73 8.96
CA GLY A 281 -3.10 7.73 7.53
C GLY A 281 -3.56 9.06 7.03
N ILE A 282 -3.24 9.35 5.77
CA ILE A 282 -3.80 10.50 5.09
C ILE A 282 -4.40 9.97 3.80
N ASN A 283 -5.69 10.23 3.62
CA ASN A 283 -6.39 9.86 2.39
C ASN A 283 -6.69 11.14 1.65
N PHE A 284 -5.91 11.40 0.61
CA PHE A 284 -5.87 12.71 -0.04
C PHE A 284 -6.26 12.63 -1.51
N THR A 285 -7.05 13.60 -1.96
CA THR A 285 -7.22 13.79 -3.39
C THR A 285 -7.14 15.29 -3.65
N GLY A 286 -6.24 15.68 -4.55
CA GLY A 286 -5.95 17.09 -4.77
C GLY A 286 -4.67 17.29 -5.57
N SER A 287 -4.01 18.42 -5.35
CA SER A 287 -2.82 18.79 -6.13
C SER A 287 -1.57 18.01 -5.74
N VAL A 288 -0.72 17.74 -6.73
CA VAL A 288 0.57 17.09 -6.49
C VAL A 288 1.39 17.83 -5.44
N PRO A 289 1.54 19.16 -5.57
CA PRO A 289 2.39 19.86 -4.60
C PRO A 289 1.90 19.73 -3.16
N THR A 290 0.59 19.76 -2.95
CA THR A 290 0.06 19.61 -1.60
C THR A 290 0.30 18.21 -1.05
N PHE A 291 0.06 17.19 -1.87
CA PHE A 291 0.37 15.83 -1.45
C PHE A 291 1.85 15.67 -1.09
N LYS A 292 2.73 16.22 -1.93
CA LYS A 292 4.16 16.12 -1.65
C LYS A 292 4.54 16.83 -0.34
N HIS A 293 3.91 17.95 -0.08
CA HIS A 293 4.15 18.70 1.16
C HIS A 293 3.74 17.86 2.37
N LEU A 294 2.56 17.26 2.31
CA LEU A 294 2.11 16.39 3.40
C LEU A 294 3.05 15.20 3.60
N TRP A 295 3.48 14.59 2.50
CA TRP A 295 4.43 13.49 2.55
C TRP A 295 5.71 13.92 3.26
N ARG A 296 6.19 15.12 2.94
CA ARG A 296 7.41 15.62 3.57
C ARG A 296 7.21 15.96 5.04
N GLN A 297 6.03 16.44 5.40
CA GLN A 297 5.73 16.75 6.79
C GLN A 297 5.71 15.48 7.65
N VAL A 298 5.11 14.43 7.10
CA VAL A 298 5.08 13.14 7.76
C VAL A 298 6.50 12.62 7.95
N ALA A 299 7.30 12.69 6.90
CA ALA A 299 8.70 12.23 6.99
C ALA A 299 9.49 13.00 8.04
N GLN A 300 9.32 14.33 8.09
CA GLN A 300 10.01 15.16 9.06
C GLN A 300 9.68 14.72 10.48
N ASN A 301 8.43 14.32 10.68
CA ASN A 301 7.94 13.97 12.01
C ASN A 301 7.88 12.47 12.32
N LEU A 302 8.58 11.65 11.54
CA LEU A 302 8.50 10.21 11.70
C LEU A 302 8.73 9.74 13.12
N ASP A 303 9.64 10.39 13.83
CA ASP A 303 10.00 9.93 15.16
C ASP A 303 8.90 10.11 16.17
N ARG A 304 7.94 11.00 15.87
CA ARG A 304 6.87 11.27 16.81
C ARG A 304 5.71 10.27 16.71
N PHE A 305 5.52 9.68 15.54
CA PHE A 305 4.34 8.85 15.31
C PHE A 305 4.44 7.51 16.01
N ARG A 306 3.31 7.03 16.53
CA ARG A 306 3.23 5.71 17.15
C ARG A 306 3.40 4.59 16.10
N THR A 307 2.96 4.86 14.88
CA THR A 307 3.24 3.93 13.78
C THR A 307 3.47 4.71 12.49
N PHE A 308 3.90 4.02 11.45
CA PHE A 308 4.20 4.64 10.17
C PHE A 308 2.91 5.03 9.45
N PRO A 309 2.66 6.35 9.27
CA PRO A 309 1.39 6.69 8.62
C PRO A 309 1.35 6.27 7.16
N ARG A 310 0.16 5.91 6.69
CA ARG A 310 -0.05 5.48 5.31
C ARG A 310 -0.62 6.61 4.50
N LEU A 311 0.09 7.00 3.44
CA LEU A 311 -0.38 8.08 2.58
C LEU A 311 -0.92 7.55 1.28
N ALA A 312 -2.14 7.95 0.97
CA ALA A 312 -2.77 7.63 -0.31
C ALA A 312 -3.10 8.95 -0.97
N GLY A 313 -2.67 9.11 -2.22
CA GLY A 313 -2.86 10.35 -2.93
C GLY A 313 -3.30 10.09 -4.35
N GLU A 314 -4.43 10.68 -4.72
CA GLU A 314 -4.88 10.68 -6.11
C GLU A 314 -4.68 12.10 -6.58
N CYS A 315 -3.85 12.28 -7.61
N CYS A 315 -3.88 12.28 -7.61
CA CYS A 315 -3.20 13.58 -7.88
CA CYS A 315 -3.65 13.62 -8.05
C CYS A 315 -3.38 14.28 -9.24
C CYS A 315 -4.03 13.78 -9.51
N GLY A 316 -4.21 13.75 -10.14
N GLY A 316 -3.39 14.75 -10.16
CA GLY A 316 -4.48 14.42 -11.40
CA GLY A 316 -3.82 15.21 -11.46
C GLY A 316 -3.60 14.01 -12.57
C GLY A 316 -3.28 14.43 -12.62
N GLY A 317 -3.71 14.72 -13.70
N GLY A 317 -3.67 14.87 -13.81
CA GLY A 317 -2.95 14.37 -14.89
CA GLY A 317 -3.26 14.22 -15.04
C GLY A 317 -3.03 15.31 -16.08
C GLY A 317 -3.20 15.23 -16.16
N LYS A 318 -2.49 14.87 -17.22
CA LYS A 318 -2.56 15.63 -18.45
C LYS A 318 -2.96 14.59 -19.49
N ASN A 319 -4.27 14.38 -19.62
CA ASN A 319 -4.76 13.17 -20.25
C ASN A 319 -4.96 13.32 -21.74
N PHE A 320 -4.69 12.24 -22.47
CA PHE A 320 -4.70 12.27 -23.92
C PHE A 320 -5.88 11.56 -24.57
N HIS A 321 -6.27 12.04 -25.75
CA HIS A 321 -7.01 11.23 -26.71
C HIS A 321 -6.12 11.13 -27.94
N PHE A 322 -5.71 9.92 -28.29
CA PHE A 322 -4.86 9.70 -29.46
C PHE A 322 -5.68 9.04 -30.56
N VAL A 323 -5.68 9.66 -31.73
CA VAL A 323 -6.51 9.21 -32.84
C VAL A 323 -5.66 8.62 -33.93
N HIS A 324 -6.03 7.40 -34.36
CA HIS A 324 -5.42 6.79 -35.54
C HIS A 324 -6.31 7.05 -36.75
N SER A 325 -5.73 7.00 -37.94
CA SER A 325 -6.46 7.35 -39.16
C SER A 325 -7.70 6.48 -39.39
N SER A 326 -7.74 5.31 -38.75
CA SER A 326 -8.87 4.39 -38.90
C SER A 326 -10.02 4.68 -37.96
N ALA A 327 -9.86 5.71 -37.11
CA ALA A 327 -10.85 6.02 -36.09
C ALA A 327 -12.23 6.35 -36.65
N ASP A 328 -13.25 6.06 -35.86
CA ASP A 328 -14.58 6.56 -36.12
C ASP A 328 -14.63 8.02 -35.70
N VAL A 329 -14.73 8.91 -36.69
CA VAL A 329 -14.65 10.34 -36.43
C VAL A 329 -15.76 10.86 -35.51
N ASP A 330 -16.98 10.39 -35.70
CA ASP A 330 -18.07 10.87 -34.84
C ASP A 330 -17.82 10.54 -33.37
N SER A 331 -17.29 9.34 -33.10
CA SER A 331 -16.90 8.94 -31.74
C SER A 331 -15.77 9.79 -31.19
N VAL A 332 -14.76 10.05 -32.01
CA VAL A 332 -13.68 10.95 -31.62
C VAL A 332 -14.25 12.32 -31.22
N VAL A 333 -15.16 12.84 -32.04
CA VAL A 333 -15.68 14.18 -31.79
C VAL A 333 -16.51 14.24 -30.51
N SER A 334 -17.52 13.38 -30.37
CA SER A 334 -18.37 13.43 -29.18
CA SER A 334 -18.37 13.45 -29.19
C SER A 334 -17.62 13.07 -27.91
N GLY A 335 -16.81 12.00 -27.99
CA GLY A 335 -16.01 11.59 -26.84
C GLY A 335 -15.05 12.66 -26.38
N THR A 336 -14.40 13.33 -27.32
CA THR A 336 -13.46 14.39 -26.97
C THR A 336 -14.17 15.63 -26.41
N LEU A 337 -15.28 16.03 -27.04
CA LEU A 337 -16.04 17.17 -26.51
C LEU A 337 -16.47 16.89 -25.08
N ARG A 338 -16.96 15.69 -24.81
CA ARG A 338 -17.35 15.35 -23.44
C ARG A 338 -16.16 15.32 -22.49
N SER A 339 -15.12 14.59 -22.87
CA SER A 339 -13.97 14.46 -21.99
C SER A 339 -13.33 15.81 -21.68
N ALA A 340 -13.19 16.65 -22.71
CA ALA A 340 -12.50 17.93 -22.52
C ALA A 340 -13.32 18.97 -21.77
N PHE A 341 -14.63 18.95 -21.96
CA PHE A 341 -15.47 20.07 -21.54
C PHE A 341 -16.52 19.80 -20.48
N GLU A 342 -16.92 18.54 -20.29
CA GLU A 342 -17.91 18.27 -19.24
C GLU A 342 -17.38 18.75 -17.89
N TYR A 343 -18.27 19.32 -17.08
CA TYR A 343 -17.89 19.95 -15.82
C TYR A 343 -16.72 20.94 -16.00
N GLY A 344 -16.72 21.61 -17.15
CA GLY A 344 -15.69 22.61 -17.42
C GLY A 344 -14.28 22.07 -17.47
N GLY A 345 -14.14 20.78 -17.78
CA GLY A 345 -12.80 20.17 -17.82
C GLY A 345 -12.20 19.99 -16.44
N GLN A 346 -13.02 20.13 -15.40
CA GLN A 346 -12.50 20.10 -14.03
C GLN A 346 -12.46 18.67 -13.48
N LYS A 347 -11.74 17.81 -14.19
CA LYS A 347 -11.60 16.41 -13.81
C LYS A 347 -10.16 16.01 -13.99
N CYS A 348 -9.65 15.24 -13.04
CA CYS A 348 -8.28 14.74 -13.15
C CYS A 348 -8.14 13.79 -14.32
N SER A 349 -9.28 13.36 -14.88
CA SER A 349 -9.32 12.43 -15.99
C SER A 349 -9.61 13.11 -17.34
N ALA A 350 -9.88 14.42 -17.32
CA ALA A 350 -10.28 15.15 -18.52
C ALA A 350 -9.24 15.15 -19.64
N CYS A 351 -9.68 14.92 -20.88
CA CYS A 351 -8.79 15.06 -22.03
C CYS A 351 -8.40 16.51 -22.21
N SER A 352 -7.10 16.78 -22.24
CA SER A 352 -6.63 18.13 -22.52
C SER A 352 -5.62 18.16 -23.66
N ARG A 353 -5.22 16.98 -24.15
CA ARG A 353 -4.38 16.93 -25.35
C ARG A 353 -4.94 15.90 -26.32
N LEU A 354 -5.21 16.35 -27.53
CA LEU A 354 -5.77 15.50 -28.59
C LEU A 354 -4.76 15.42 -29.72
N TYR A 355 -4.44 14.19 -30.15
CA TYR A 355 -3.49 13.97 -31.22
C TYR A 355 -4.25 13.43 -32.42
N VAL A 356 -4.17 14.14 -33.55
CA VAL A 356 -4.97 13.81 -34.73
C VAL A 356 -4.07 13.65 -35.95
N PRO A 357 -4.29 12.59 -36.75
CA PRO A 357 -3.48 12.46 -37.97
C PRO A 357 -3.94 13.45 -39.03
N LYS A 358 -2.98 13.95 -39.81
CA LYS A 358 -3.27 14.93 -40.85
C LYS A 358 -4.44 14.51 -41.73
N SER A 359 -4.50 13.23 -42.10
CA SER A 359 -5.57 12.75 -42.98
C SER A 359 -7.00 12.96 -42.45
N LEU A 360 -7.17 12.98 -41.13
CA LEU A 360 -8.50 13.16 -40.51
C LEU A 360 -8.72 14.57 -39.98
N TRP A 361 -7.69 15.40 -40.01
CA TRP A 361 -7.80 16.71 -39.36
C TRP A 361 -8.88 17.61 -39.97
N PRO A 362 -8.97 17.69 -41.31
CA PRO A 362 -10.06 18.53 -41.82
C PRO A 362 -11.43 18.12 -41.29
N GLN A 363 -11.71 16.82 -41.21
CA GLN A 363 -12.97 16.36 -40.66
C GLN A 363 -13.11 16.71 -39.19
N ILE A 364 -12.09 16.38 -38.40
CA ILE A 364 -12.20 16.55 -36.97
C ILE A 364 -12.23 18.03 -36.59
N LYS A 365 -11.41 18.83 -37.26
CA LYS A 365 -11.41 20.27 -37.02
C LYS A 365 -12.77 20.86 -37.34
N GLY A 366 -13.30 20.55 -38.52
CA GLY A 366 -14.58 21.12 -38.91
C GLY A 366 -15.72 20.74 -37.96
N ARG A 367 -15.74 19.48 -37.55
CA ARG A 367 -16.78 18.97 -36.67
C ARG A 367 -16.63 19.54 -35.26
N LEU A 368 -15.40 19.56 -34.74
CA LEU A 368 -15.19 20.16 -33.43
C LEU A 368 -15.68 21.62 -33.39
N LEU A 369 -15.34 22.39 -34.42
CA LEU A 369 -15.66 23.82 -34.41
C LEU A 369 -17.16 24.05 -34.58
N GLU A 370 -17.81 23.23 -35.40
CA GLU A 370 -19.26 23.35 -35.56
C GLU A 370 -20.00 22.99 -34.28
N GLU A 371 -19.65 21.84 -33.69
CA GLU A 371 -20.30 21.44 -32.45
C GLU A 371 -20.00 22.44 -31.33
N HIS A 372 -18.77 22.95 -31.29
CA HIS A 372 -18.40 23.97 -30.32
C HIS A 372 -19.38 25.14 -30.30
N SER A 373 -19.80 25.59 -31.48
CA SER A 373 -20.65 26.78 -31.56
C SER A 373 -22.01 26.55 -30.89
N ARG A 374 -22.36 25.28 -30.73
CA ARG A 374 -23.65 24.88 -30.13
C ARG A 374 -23.60 24.57 -28.64
N ILE A 375 -22.40 24.54 -28.06
CA ILE A 375 -22.29 24.24 -26.65
C ILE A 375 -22.83 25.40 -25.81
N LYS A 376 -23.81 25.11 -24.96
CA LYS A 376 -24.38 26.14 -24.11
C LYS A 376 -23.68 26.15 -22.76
N VAL A 377 -23.11 27.29 -22.41
CA VAL A 377 -22.56 27.50 -21.08
C VAL A 377 -23.48 28.46 -20.37
N GLY A 378 -23.97 28.07 -19.20
CA GLY A 378 -24.95 28.87 -18.50
C GLY A 378 -25.33 28.29 -17.16
N ASP A 379 -26.47 28.74 -16.64
CA ASP A 379 -26.96 28.36 -15.32
C ASP A 379 -27.58 26.97 -15.40
N PRO A 380 -26.98 25.99 -14.70
CA PRO A 380 -27.43 24.59 -14.87
C PRO A 380 -28.71 24.31 -14.10
N ALA A 381 -29.05 25.15 -13.12
CA ALA A 381 -30.28 24.99 -12.36
C ALA A 381 -31.47 25.54 -13.14
N GLU A 382 -31.24 26.65 -13.82
CA GLU A 382 -32.31 27.34 -14.56
C GLU A 382 -32.49 26.81 -15.99
N ASP A 383 -31.41 26.33 -16.58
CA ASP A 383 -31.42 25.90 -17.98
C ASP A 383 -30.81 24.52 -18.13
N PHE A 384 -31.66 23.50 -18.20
CA PHE A 384 -31.18 22.12 -18.36
C PHE A 384 -30.56 21.87 -19.74
N GLY A 385 -30.66 22.84 -20.64
CA GLY A 385 -29.96 22.73 -21.92
C GLY A 385 -28.46 22.99 -21.81
N THR A 386 -28.03 23.47 -20.64
CA THR A 386 -26.64 23.79 -20.39
C THR A 386 -25.74 22.57 -20.54
N PHE A 387 -24.69 22.66 -21.33
CA PHE A 387 -23.74 21.54 -21.41
C PHE A 387 -22.82 21.52 -20.20
N PHE A 388 -22.25 22.68 -19.87
CA PHE A 388 -21.50 22.82 -18.62
C PHE A 388 -21.58 24.27 -18.17
N SER A 389 -21.21 24.54 -16.92
CA SER A 389 -21.38 25.85 -16.32
C SER A 389 -20.05 26.47 -15.88
N ALA A 390 -20.14 27.51 -15.08
CA ALA A 390 -18.99 28.22 -14.56
C ALA A 390 -17.99 27.29 -13.87
N VAL A 391 -16.71 27.66 -13.92
CA VAL A 391 -15.69 26.95 -13.15
C VAL A 391 -15.82 27.30 -11.67
N ILE A 392 -15.08 26.59 -10.83
CA ILE A 392 -15.46 26.51 -9.42
C ILE A 392 -15.32 27.80 -8.61
N ASP A 393 -14.27 28.57 -8.85
CA ASP A 393 -14.03 29.77 -8.05
C ASP A 393 -13.13 30.80 -8.73
N ALA A 394 -12.92 31.91 -8.05
CA ALA A 394 -12.12 33.00 -8.61
C ALA A 394 -10.69 32.56 -8.89
N LYS A 395 -10.13 31.74 -8.01
CA LYS A 395 -8.77 31.24 -8.21
C LYS A 395 -8.67 30.39 -9.49
N ALA A 396 -9.64 29.49 -9.69
CA ALA A 396 -9.63 28.67 -10.91
C ALA A 396 -9.79 29.54 -12.16
N PHE A 397 -10.72 30.49 -12.08
CA PHE A 397 -10.99 31.40 -13.19
C PHE A 397 -9.70 32.12 -13.57
N ALA A 398 -8.96 32.60 -12.57
CA ALA A 398 -7.73 33.35 -12.83
C ALA A 398 -6.65 32.48 -13.45
N ARG A 399 -6.53 31.25 -12.95
CA ARG A 399 -5.53 30.32 -13.50
C ARG A 399 -5.84 29.98 -14.96
N ILE A 400 -7.11 29.70 -15.24
CA ILE A 400 -7.51 29.39 -16.60
C ILE A 400 -7.32 30.57 -17.54
N LYS A 401 -7.68 31.76 -17.09
CA LYS A 401 -7.44 32.97 -17.88
C LYS A 401 -5.96 33.11 -18.24
N LYS A 402 -5.08 32.81 -17.29
CA LYS A 402 -3.64 32.88 -17.55
C LYS A 402 -3.26 31.96 -18.70
N TRP A 403 -3.86 30.77 -18.75
CA TRP A 403 -3.58 29.84 -19.84
C TRP A 403 -4.17 30.33 -21.17
N LEU A 404 -5.34 30.94 -21.14
CA LEU A 404 -5.88 31.52 -22.36
C LEU A 404 -4.99 32.64 -22.90
N GLU A 405 -4.50 33.48 -21.99
CA GLU A 405 -3.58 34.54 -22.35
C GLU A 405 -2.27 33.98 -22.89
N HIS A 406 -1.82 32.86 -22.32
CA HIS A 406 -0.65 32.17 -22.85
C HIS A 406 -0.90 31.71 -24.29
N ALA A 407 -2.08 31.16 -24.54
CA ALA A 407 -2.41 30.67 -25.87
C ALA A 407 -2.40 31.82 -26.90
N ARG A 408 -2.86 32.99 -26.47
CA ARG A 408 -2.85 34.16 -27.35
CA ARG A 408 -2.84 34.17 -27.35
C ARG A 408 -1.44 34.67 -27.61
N SER A 409 -0.54 34.42 -26.68
CA SER A 409 0.84 34.92 -26.76
C SER A 409 1.77 34.01 -27.54
N SER A 410 1.61 32.70 -27.37
CA SER A 410 2.57 31.74 -27.90
C SER A 410 2.53 31.64 -29.41
N PRO A 411 3.70 31.67 -30.05
CA PRO A 411 3.74 31.61 -31.52
C PRO A 411 3.34 30.23 -32.03
N SER A 412 3.35 29.21 -31.16
CA SER A 412 3.03 27.85 -31.57
CA SER A 412 3.00 27.88 -31.64
C SER A 412 1.55 27.51 -31.34
N LEU A 413 0.83 28.42 -30.70
CA LEU A 413 -0.56 28.15 -30.33
C LEU A 413 -1.53 29.06 -31.06
N SER A 414 -2.64 28.49 -31.48
CA SER A 414 -3.71 29.27 -32.10
CA SER A 414 -3.71 29.27 -32.10
CA SER A 414 -3.71 29.25 -32.12
C SER A 414 -5.05 28.86 -31.52
N ILE A 415 -5.82 29.85 -31.07
CA ILE A 415 -7.14 29.57 -30.55
C ILE A 415 -8.06 29.41 -31.74
N LEU A 416 -8.63 28.21 -31.89
CA LEU A 416 -9.50 27.92 -33.04
C LEU A 416 -10.94 28.30 -32.74
N ALA A 417 -11.32 28.16 -31.48
CA ALA A 417 -12.68 28.48 -31.05
C ALA A 417 -12.68 28.78 -29.56
N GLY A 418 -13.58 29.66 -29.13
CA GLY A 418 -13.68 29.99 -27.72
C GLY A 418 -12.60 30.96 -27.29
N GLY A 419 -12.22 30.90 -26.02
CA GLY A 419 -11.23 31.81 -25.50
C GLY A 419 -11.82 32.95 -24.69
N GLN A 420 -13.16 33.02 -24.67
CA GLN A 420 -13.85 34.07 -23.91
C GLN A 420 -14.04 33.68 -22.46
N CYS A 421 -14.02 34.66 -21.59
CA CYS A 421 -14.30 34.43 -20.16
C CYS A 421 -14.84 35.72 -19.54
N ASN A 422 -15.71 35.56 -18.55
CA ASN A 422 -16.41 36.70 -17.93
C ASN A 422 -16.79 36.30 -16.51
N GLU A 423 -16.25 37.01 -15.52
CA GLU A 423 -16.54 36.66 -14.12
C GLU A 423 -17.47 37.66 -13.43
N SER A 424 -18.23 38.42 -14.20
CA SER A 424 -19.11 39.44 -13.60
C SER A 424 -20.27 38.84 -12.77
N VAL A 425 -20.81 37.71 -13.22
CA VAL A 425 -21.96 37.07 -12.57
C VAL A 425 -21.60 35.69 -11.99
N GLY A 426 -20.95 34.89 -12.83
CA GLY A 426 -20.39 33.62 -12.39
C GLY A 426 -18.98 33.52 -12.94
N TYR A 427 -18.27 32.45 -12.62
CA TYR A 427 -16.90 32.29 -13.11
C TYR A 427 -16.93 31.59 -14.45
N TYR A 428 -17.44 32.29 -15.45
CA TYR A 428 -17.74 31.66 -16.72
C TYR A 428 -16.58 31.68 -17.71
N VAL A 429 -16.20 30.49 -18.15
CA VAL A 429 -15.20 30.30 -19.19
C VAL A 429 -15.81 29.46 -20.31
N GLU A 430 -15.82 29.99 -21.54
CA GLU A 430 -16.31 29.21 -22.68
C GLU A 430 -15.37 28.08 -22.99
N PRO A 431 -15.90 27.01 -23.59
CA PRO A 431 -14.97 25.96 -24.02
C PRO A 431 -13.99 26.56 -25.02
N CYS A 432 -12.73 26.12 -24.95
CA CYS A 432 -11.71 26.66 -25.83
C CYS A 432 -10.96 25.53 -26.49
N ILE A 433 -10.80 25.63 -27.81
CA ILE A 433 -10.08 24.66 -28.61
C ILE A 433 -8.88 25.38 -29.22
N ILE A 434 -7.69 24.86 -28.93
CA ILE A 434 -6.43 25.44 -29.36
C ILE A 434 -5.66 24.43 -30.21
N GLU A 435 -5.02 24.87 -31.28
CA GLU A 435 -4.09 24.00 -31.99
C GLU A 435 -2.66 24.38 -31.62
N SER A 436 -1.85 23.39 -31.29
CA SER A 436 -0.42 23.60 -31.07
C SER A 436 0.38 23.00 -32.21
N LYS A 437 1.34 23.76 -32.72
CA LYS A 437 2.29 23.25 -33.70
C LYS A 437 3.47 22.57 -33.01
N ASP A 438 3.55 22.72 -31.70
CA ASP A 438 4.64 22.18 -30.89
C ASP A 438 4.08 21.10 -29.97
N PRO A 439 4.42 19.83 -30.21
CA PRO A 439 3.86 18.78 -29.37
C PRO A 439 4.36 18.83 -27.93
N GLN A 440 5.40 19.64 -27.68
CA GLN A 440 6.00 19.74 -26.35
C GLN A 440 5.75 21.11 -25.71
N GLU A 441 4.82 21.88 -26.25
CA GLU A 441 4.47 23.18 -25.67
C GLU A 441 4.05 22.99 -24.21
N PRO A 442 4.36 23.98 -23.35
CA PRO A 442 3.90 23.88 -21.96
C PRO A 442 2.40 23.54 -21.83
N ILE A 443 1.56 24.04 -22.73
CA ILE A 443 0.12 23.76 -22.64
C ILE A 443 -0.19 22.28 -22.93
N MET A 444 0.74 21.58 -23.59
CA MET A 444 0.61 20.14 -23.81
C MET A 444 1.04 19.32 -22.59
N LYS A 445 1.61 20.00 -21.59
CA LYS A 445 2.26 19.32 -20.46
C LYS A 445 1.60 19.57 -19.11
N GLU A 446 1.09 20.79 -18.93
CA GLU A 446 0.67 21.26 -17.62
C GLU A 446 -0.85 21.20 -17.47
N GLU A 447 -1.30 20.68 -16.33
CA GLU A 447 -2.71 20.53 -16.04
C GLU A 447 -3.37 21.88 -15.78
N ILE A 448 -4.40 22.19 -16.58
CA ILE A 448 -5.10 23.46 -16.47
C ILE A 448 -6.34 23.38 -15.58
N PHE A 449 -7.01 22.21 -15.59
CA PHE A 449 -8.29 22.07 -14.85
C PHE A 449 -9.33 23.11 -15.28
N GLY A 450 -9.47 23.25 -16.60
CA GLY A 450 -10.46 24.12 -17.18
C GLY A 450 -10.84 23.58 -18.55
N PRO A 451 -11.79 24.25 -19.22
CA PRO A 451 -12.32 23.72 -20.46
C PRO A 451 -11.46 24.12 -21.65
N VAL A 452 -10.25 23.58 -21.67
CA VAL A 452 -9.21 24.04 -22.59
C VAL A 452 -8.54 22.84 -23.24
N LEU A 453 -8.88 22.60 -24.50
CA LEU A 453 -8.39 21.45 -25.24
C LEU A 453 -7.32 21.89 -26.23
N THR A 454 -6.18 21.22 -26.19
CA THR A 454 -5.12 21.50 -27.14
C THR A 454 -4.97 20.33 -28.11
N VAL A 455 -4.89 20.65 -29.40
CA VAL A 455 -4.79 19.66 -30.45
C VAL A 455 -3.45 19.73 -31.15
N TYR A 456 -2.81 18.58 -31.32
CA TYR A 456 -1.58 18.47 -32.10
C TYR A 456 -1.85 17.56 -33.29
N VAL A 457 -1.56 18.07 -34.49
CA VAL A 457 -1.79 17.34 -35.72
C VAL A 457 -0.47 16.72 -36.18
N TYR A 458 -0.47 15.40 -36.35
CA TYR A 458 0.74 14.70 -36.75
C TYR A 458 0.62 14.10 -38.15
N PRO A 459 1.73 14.03 -38.87
CA PRO A 459 1.69 13.43 -40.21
C PRO A 459 1.42 11.93 -40.09
N ASP A 460 0.54 11.39 -40.92
CA ASP A 460 0.14 9.99 -40.77
C ASP A 460 1.33 9.01 -40.67
N ASP A 461 2.39 9.28 -41.41
CA ASP A 461 3.52 8.36 -41.47
C ASP A 461 4.42 8.44 -40.26
N LYS A 462 4.14 9.40 -39.37
CA LYS A 462 4.90 9.58 -38.14
C LYS A 462 4.07 9.12 -36.94
N TYR A 463 3.17 8.19 -37.21
CA TYR A 463 2.26 7.73 -36.16
CA TYR A 463 2.26 7.68 -36.21
C TYR A 463 2.97 7.08 -34.99
N ARG A 464 3.99 6.25 -35.26
CA ARG A 464 4.71 5.59 -34.17
C ARG A 464 5.52 6.59 -33.33
N GLU A 465 6.16 7.53 -34.01
CA GLU A 465 6.92 8.57 -33.35
C GLU A 465 5.99 9.39 -32.46
N THR A 466 4.77 9.58 -32.92
CA THR A 466 3.80 10.37 -32.16
C THR A 466 3.29 9.59 -30.96
N LEU A 467 3.09 8.29 -31.11
CA LEU A 467 2.72 7.44 -29.97
C LEU A 467 3.78 7.56 -28.88
N LYS A 468 5.05 7.58 -29.28
CA LYS A 468 6.13 7.72 -28.31
C LYS A 468 6.03 9.08 -27.60
N LEU A 469 5.69 10.11 -28.36
CA LEU A 469 5.48 11.44 -27.76
C LEU A 469 4.33 11.47 -26.77
N VAL A 470 3.27 10.74 -27.05
CA VAL A 470 2.16 10.67 -26.10
C VAL A 470 2.69 10.20 -24.74
N ASP A 471 3.53 9.17 -24.78
CA ASP A 471 4.11 8.58 -23.58
C ASP A 471 5.17 9.47 -22.90
N SER A 472 5.97 10.18 -23.68
CA SER A 472 7.15 10.85 -23.13
C SER A 472 6.95 12.32 -22.75
N THR A 473 5.89 12.94 -23.27
CA THR A 473 5.76 14.39 -23.17
C THR A 473 5.52 14.94 -21.77
N THR A 474 4.65 14.28 -21.01
CA THR A 474 4.22 14.82 -19.72
C THR A 474 4.77 14.02 -18.56
N SER A 475 4.51 14.52 -17.36
CA SER A 475 4.94 13.86 -16.13
CA SER A 475 4.95 13.86 -16.14
C SER A 475 3.86 12.95 -15.58
N TYR A 476 2.72 12.91 -16.25
CA TYR A 476 1.55 12.27 -15.66
C TYR A 476 1.22 10.89 -16.23
N GLY A 477 0.38 10.14 -15.52
CA GLY A 477 0.07 8.80 -15.96
C GLY A 477 -1.34 8.35 -15.63
N LEU A 478 -2.30 9.28 -15.72
CA LEU A 478 -3.64 8.99 -15.24
C LEU A 478 -4.58 8.36 -16.27
N THR A 479 -5.16 9.13 -17.18
CA THR A 479 -6.05 8.52 -18.16
C THR A 479 -5.63 8.81 -19.59
N GLY A 480 -6.14 8.03 -20.52
CA GLY A 480 -5.89 8.27 -21.93
C GLY A 480 -6.72 7.32 -22.76
N ALA A 481 -6.96 7.71 -24.00
CA ALA A 481 -7.76 6.90 -24.91
C ALA A 481 -7.07 6.82 -26.26
N VAL A 482 -7.26 5.69 -26.92
CA VAL A 482 -6.88 5.54 -28.32
C VAL A 482 -8.15 5.25 -29.11
N PHE A 483 -8.35 6.03 -30.18
CA PHE A 483 -9.45 5.78 -31.10
C PHE A 483 -8.86 5.19 -32.38
N ALA A 484 -9.29 3.97 -32.70
CA ALA A 484 -8.77 3.25 -33.86
C ALA A 484 -9.67 2.06 -34.14
N GLN A 485 -9.76 1.66 -35.40
CA GLN A 485 -10.55 0.49 -35.76
C GLN A 485 -9.70 -0.56 -36.48
N ASP A 486 -8.44 -0.63 -36.09
CA ASP A 486 -7.47 -1.52 -36.67
C ASP A 486 -6.88 -2.29 -35.49
N LYS A 487 -7.08 -3.62 -35.48
CA LYS A 487 -6.67 -4.44 -34.34
C LYS A 487 -5.18 -4.35 -34.05
N ALA A 488 -4.36 -4.45 -35.08
CA ALA A 488 -2.91 -4.40 -34.87
C ALA A 488 -2.49 -3.06 -34.27
N ILE A 489 -3.10 -1.97 -34.72
CA ILE A 489 -2.79 -0.65 -34.18
C ILE A 489 -3.19 -0.56 -32.72
N VAL A 490 -4.37 -1.07 -32.41
CA VAL A 490 -4.84 -1.06 -31.03
C VAL A 490 -3.91 -1.88 -30.12
N GLN A 491 -3.49 -3.04 -30.59
CA GLN A 491 -2.60 -3.88 -29.78
C GLN A 491 -1.25 -3.18 -29.56
N GLU A 492 -0.73 -2.57 -30.62
CA GLU A 492 0.56 -1.86 -30.54
C GLU A 492 0.44 -0.66 -29.60
N ALA A 493 -0.61 0.12 -29.77
CA ALA A 493 -0.78 1.32 -28.95
C ALA A 493 -0.98 0.95 -27.48
N THR A 494 -1.72 -0.11 -27.23
CA THR A 494 -1.95 -0.58 -25.87
C THR A 494 -0.63 -0.92 -25.19
N ARG A 495 0.23 -1.66 -25.88
CA ARG A 495 1.53 -2.02 -25.32
CA ARG A 495 1.54 -2.01 -25.34
C ARG A 495 2.39 -0.78 -25.08
N MET A 496 2.43 0.12 -26.07
CA MET A 496 3.30 1.29 -26.00
CA MET A 496 3.29 1.29 -26.01
C MET A 496 2.90 2.26 -24.91
N LEU A 497 1.60 2.33 -24.62
CA LEU A 497 1.10 3.30 -23.66
C LEU A 497 0.79 2.68 -22.28
N ARG A 498 1.31 1.48 -22.06
CA ARG A 498 1.11 0.73 -20.82
C ARG A 498 1.26 1.55 -19.53
N ASN A 499 2.26 2.43 -19.49
CA ASN A 499 2.49 3.25 -18.30
C ASN A 499 2.13 4.71 -18.46
N ALA A 500 1.55 5.05 -19.61
CA ALA A 500 1.10 6.40 -19.85
C ALA A 500 -0.29 6.69 -19.26
N ALA A 501 -1.01 5.62 -18.88
CA ALA A 501 -2.34 5.79 -18.33
C ALA A 501 -2.69 4.61 -17.44
N GLY A 502 -3.15 4.90 -16.23
CA GLY A 502 -3.65 3.86 -15.32
C GLY A 502 -5.08 3.48 -15.65
N ASN A 503 -5.78 4.38 -16.30
CA ASN A 503 -7.09 4.07 -16.86
C ASN A 503 -7.01 4.38 -18.34
N PHE A 504 -7.02 3.32 -19.13
CA PHE A 504 -6.77 3.39 -20.55
C PHE A 504 -8.01 2.95 -21.30
N TYR A 505 -8.34 3.69 -22.36
CA TYR A 505 -9.61 3.50 -23.05
C TYR A 505 -9.37 3.27 -24.52
N ILE A 506 -10.06 2.28 -25.08
CA ILE A 506 -10.04 2.05 -26.50
C ILE A 506 -11.41 2.40 -27.06
N ASN A 507 -11.46 3.41 -27.91
CA ASN A 507 -12.72 3.86 -28.50
C ASN A 507 -13.76 4.31 -27.48
N ASP A 508 -13.29 4.93 -26.41
CA ASP A 508 -14.19 5.61 -25.48
C ASP A 508 -13.46 6.81 -24.91
N LYS A 509 -14.21 7.71 -24.29
CA LYS A 509 -13.63 8.91 -23.71
C LYS A 509 -12.85 8.60 -22.42
N SER A 510 -11.94 9.51 -22.09
CA SER A 510 -11.00 9.29 -20.99
C SER A 510 -11.56 9.57 -19.59
N THR A 511 -12.80 10.06 -19.52
CA THR A 511 -13.47 10.35 -18.24
C THR A 511 -14.56 9.34 -17.97
N GLY A 512 -15.08 9.37 -16.74
CA GLY A 512 -16.28 8.61 -16.39
C GLY A 512 -16.06 7.18 -15.91
N SER A 513 -14.98 6.94 -15.19
CA SER A 513 -14.78 5.61 -14.61
C SER A 513 -15.98 5.24 -13.74
N VAL A 514 -16.35 3.96 -13.79
CA VAL A 514 -17.50 3.45 -13.05
C VAL A 514 -17.03 2.43 -12.01
N VAL A 515 -17.47 2.62 -10.78
CA VAL A 515 -17.03 1.78 -9.67
C VAL A 515 -17.30 0.31 -9.99
N GLY A 516 -16.30 -0.54 -9.74
CA GLY A 516 -16.42 -1.95 -10.01
C GLY A 516 -16.15 -2.34 -11.44
N GLN A 517 -16.12 -1.36 -12.33
CA GLN A 517 -15.92 -1.61 -13.76
C GLN A 517 -14.57 -1.08 -14.23
N GLN A 518 -14.26 0.17 -13.86
CA GLN A 518 -12.94 0.74 -14.10
C GLN A 518 -12.38 1.35 -12.82
N PRO A 519 -11.83 0.50 -11.94
CA PRO A 519 -11.14 1.02 -10.76
C PRO A 519 -10.18 2.13 -11.20
N PHE A 520 -10.13 3.21 -10.44
CA PHE A 520 -9.55 4.46 -10.94
C PHE A 520 -8.24 4.84 -10.28
N GLY A 521 -7.28 5.25 -11.09
CA GLY A 521 -6.02 5.76 -10.59
C GLY A 521 -4.88 5.52 -11.54
N GLY A 522 -3.79 6.26 -11.36
CA GLY A 522 -2.63 6.06 -12.19
C GLY A 522 -1.36 6.47 -11.47
N ALA A 523 -0.23 6.12 -12.08
CA ALA A 523 1.06 6.35 -11.44
C ALA A 523 1.78 7.51 -12.12
N ARG A 524 3.09 7.37 -12.34
CA ARG A 524 3.92 8.54 -12.62
C ARG A 524 3.55 9.64 -11.61
N ALA A 525 3.37 10.89 -12.04
CA ALA A 525 3.13 11.95 -11.05
C ALA A 525 1.68 11.99 -10.58
N SER A 526 0.86 11.08 -11.08
CA SER A 526 -0.59 11.16 -10.84
C SER A 526 -1.05 10.60 -9.50
N GLY A 527 -0.13 10.04 -8.72
CA GLY A 527 -0.50 9.59 -7.40
C GLY A 527 0.05 8.23 -7.04
N THR A 528 -0.49 7.67 -5.97
CA THR A 528 -0.05 6.38 -5.44
C THR A 528 -0.75 5.18 -6.08
N ASN A 529 -1.78 5.44 -6.87
CA ASN A 529 -2.52 4.39 -7.59
C ASN A 529 -3.09 3.26 -6.73
N ASP A 530 -3.90 3.62 -5.75
CA ASP A 530 -4.51 2.63 -4.86
C ASP A 530 -5.83 2.07 -5.40
N LYS A 531 -6.25 2.57 -6.56
CA LYS A 531 -7.40 2.02 -7.28
C LYS A 531 -8.71 1.98 -6.47
N PRO A 532 -9.12 3.14 -5.93
CA PRO A 532 -10.49 3.22 -5.42
C PRO A 532 -11.45 2.83 -6.54
N GLY A 533 -12.51 2.13 -6.18
CA GLY A 533 -13.45 1.62 -7.16
C GLY A 533 -13.18 0.15 -7.43
N GLY A 534 -12.05 -0.37 -6.96
CA GLY A 534 -11.76 -1.78 -7.07
C GLY A 534 -11.64 -2.45 -5.72
N PRO A 535 -11.45 -3.79 -5.72
CA PRO A 535 -11.51 -4.60 -4.51
C PRO A 535 -10.33 -4.45 -3.56
N HIS A 536 -9.23 -3.85 -4.01
CA HIS A 536 -8.02 -3.83 -3.20
C HIS A 536 -7.83 -2.53 -2.42
N TYR A 537 -8.58 -1.49 -2.79
CA TYR A 537 -8.44 -0.18 -2.17
C TYR A 537 -8.57 -0.24 -0.65
N ILE A 538 -9.56 -0.99 -0.16
CA ILE A 538 -9.78 -1.06 1.28
C ILE A 538 -8.59 -1.64 2.04
N LEU A 539 -7.73 -2.39 1.35
CA LEU A 539 -6.56 -2.98 2.02
C LEU A 539 -5.62 -1.91 2.56
N ARG A 540 -5.65 -0.71 1.99
CA ARG A 540 -4.80 0.36 2.50
C ARG A 540 -5.25 0.81 3.89
N TRP A 541 -6.49 0.49 4.26
CA TRP A 541 -7.06 1.01 5.51
C TRP A 541 -7.25 -0.04 6.59
N THR A 542 -6.64 -1.20 6.37
CA THR A 542 -6.59 -2.25 7.39
C THR A 542 -5.16 -2.68 7.63
N SER A 543 -4.86 -3.02 8.88
CA SER A 543 -3.55 -3.54 9.25
C SER A 543 -3.83 -4.90 9.89
N PRO A 544 -3.69 -5.98 9.12
CA PRO A 544 -4.17 -7.27 9.63
C PRO A 544 -3.38 -7.83 10.81
N GLN A 545 -4.11 -8.54 11.66
CA GLN A 545 -3.52 -9.32 12.74
C GLN A 545 -3.89 -10.76 12.45
N VAL A 546 -2.94 -11.67 12.60
CA VAL A 546 -3.24 -13.09 12.49
CA VAL A 546 -3.28 -13.09 12.50
C VAL A 546 -3.14 -13.73 13.87
N ILE A 547 -4.20 -14.45 14.25
CA ILE A 547 -4.24 -15.14 15.53
C ILE A 547 -4.11 -16.64 15.30
N LYS A 548 -3.12 -17.25 15.95
CA LYS A 548 -2.93 -18.69 15.95
C LYS A 548 -3.25 -19.20 17.33
N GLU A 549 -4.21 -20.12 17.41
CA GLU A 549 -4.53 -20.78 18.67
C GLU A 549 -4.17 -22.25 18.58
N THR A 550 -3.39 -22.71 19.53
CA THR A 550 -2.97 -24.10 19.53
C THR A 550 -3.72 -24.85 20.62
N HIS A 551 -4.26 -26.01 20.25
CA HIS A 551 -5.28 -26.67 21.06
C HIS A 551 -4.74 -27.86 21.84
N LYS A 552 -3.42 -28.08 21.77
CA LYS A 552 -2.76 -29.14 22.52
C LYS A 552 -1.55 -28.57 23.24
N PRO A 553 -1.16 -29.19 24.36
CA PRO A 553 0.06 -28.76 25.06
C PRO A 553 1.26 -28.82 24.13
N LEU A 554 2.28 -28.00 24.40
N LEU A 554 2.23 -27.93 24.36
CA LEU A 554 3.40 -27.83 23.47
CA LEU A 554 3.46 -27.97 23.61
C LEU A 554 4.49 -28.91 23.52
C LEU A 554 4.32 -29.07 24.19
N GLY A 555 4.62 -29.60 24.65
N GLY A 555 5.08 -29.75 23.34
CA GLY A 555 5.63 -30.63 24.78
CA GLY A 555 5.96 -30.81 23.79
C GLY A 555 7.02 -30.10 25.08
C GLY A 555 7.26 -30.25 24.34
N ASP A 556 8.04 -30.86 24.68
N ASP A 556 8.29 -31.09 24.34
CA ASP A 556 9.42 -30.51 25.00
CA ASP A 556 9.61 -30.72 24.79
C ASP A 556 9.99 -29.43 24.09
C ASP A 556 10.12 -29.52 23.99
N TRP A 557 11.01 -28.72 24.58
CA TRP A 557 11.68 -27.67 23.82
C TRP A 557 12.77 -28.27 22.92
N ARG A 558 13.24 -29.47 23.27
CA ARG A 558 14.21 -30.16 22.44
C ARG A 558 13.58 -30.66 21.14
N TYR A 559 14.43 -31.04 20.19
CA TYR A 559 14.01 -31.65 18.94
C TYR A 559 14.62 -33.04 18.84
N SER A 560 13.93 -33.93 18.16
CA SER A 560 14.37 -35.33 18.08
C SER A 560 15.76 -35.49 17.47
N TYR A 561 16.10 -34.65 16.50
CA TYR A 561 17.38 -34.80 15.80
C TYR A 561 18.56 -34.49 16.72
N MET A 562 18.28 -33.83 17.85
CA MET A 562 19.32 -33.45 18.82
C MET A 562 19.79 -34.59 19.70
N GLN A 563 19.02 -35.68 19.73
CA GLN A 563 19.30 -36.79 20.62
C GLN A 563 20.25 -37.79 20.00
N GLY B 18 -18.53 -5.28 -34.02
CA GLY B 18 -18.21 -5.08 -32.62
C GLY B 18 -17.14 -6.03 -32.12
N SER B 19 -16.30 -6.49 -33.04
CA SER B 19 -15.24 -7.44 -32.71
C SER B 19 -14.29 -6.88 -31.66
N HIS B 20 -13.87 -7.73 -30.73
CA HIS B 20 -12.95 -7.30 -29.68
C HIS B 20 -11.53 -7.30 -30.21
N MET B 21 -10.89 -6.13 -30.18
CA MET B 21 -9.53 -6.02 -30.68
C MET B 21 -8.52 -6.45 -29.62
N LEU B 22 -8.89 -6.32 -28.35
CA LEU B 22 -8.09 -6.89 -27.29
C LEU B 22 -8.73 -8.19 -26.82
N ARG B 23 -7.97 -9.27 -26.85
CA ARG B 23 -8.42 -10.57 -26.39
C ARG B 23 -7.66 -10.95 -25.13
N TRP B 24 -8.38 -11.38 -24.10
CA TRP B 24 -7.76 -11.75 -22.85
C TRP B 24 -7.84 -13.25 -22.63
N LYS B 25 -6.70 -13.86 -22.30
CA LYS B 25 -6.63 -15.31 -22.12
C LYS B 25 -7.20 -15.71 -20.77
N HIS B 26 -7.63 -16.95 -20.66
CA HIS B 26 -8.11 -17.48 -19.38
C HIS B 26 -6.94 -17.54 -18.41
N THR B 27 -7.23 -17.32 -17.13
CA THR B 27 -6.21 -17.39 -16.10
C THR B 27 -6.23 -18.78 -15.47
N SER B 28 -5.06 -19.32 -15.20
CA SER B 28 -4.96 -20.66 -14.63
C SER B 28 -4.91 -20.60 -13.11
N SER B 29 -4.85 -21.77 -12.49
CA SER B 29 -4.73 -21.86 -11.04
C SER B 29 -3.53 -22.73 -10.71
N LEU B 30 -3.11 -22.69 -9.45
CA LEU B 30 -1.95 -23.45 -9.00
CA LEU B 30 -1.96 -23.46 -9.02
C LEU B 30 -2.27 -24.11 -7.68
N LYS B 31 -1.94 -25.40 -7.55
CA LYS B 31 -2.08 -26.06 -6.28
C LYS B 31 -0.72 -26.15 -5.61
N VAL B 32 -0.59 -25.52 -4.44
CA VAL B 32 0.61 -25.63 -3.65
C VAL B 32 0.28 -25.96 -2.20
N ALA B 33 1.21 -26.63 -1.53
CA ALA B 33 1.07 -26.89 -0.11
C ALA B 33 2.39 -26.54 0.55
N ASN B 34 2.38 -26.41 1.88
CA ASN B 34 3.59 -26.10 2.59
C ASN B 34 4.65 -27.17 2.42
N GLU B 35 5.90 -26.75 2.34
CA GLU B 35 7.02 -27.67 2.27
C GLU B 35 7.16 -28.45 3.59
N PRO B 36 7.16 -29.78 3.53
CA PRO B 36 7.31 -30.52 4.78
C PRO B 36 8.65 -30.29 5.45
N ILE B 37 8.63 -30.18 6.77
CA ILE B 37 9.86 -30.09 7.57
C ILE B 37 10.43 -31.49 7.74
N LEU B 38 11.72 -31.63 7.45
CA LEU B 38 12.38 -32.93 7.58
C LEU B 38 12.85 -33.17 9.03
N ALA B 39 13.00 -34.44 9.39
CA ALA B 39 13.31 -34.81 10.78
C ALA B 39 14.81 -34.90 11.08
N PHE B 40 15.62 -35.14 10.07
CA PHE B 40 17.08 -35.31 10.23
C PHE B 40 17.43 -36.35 11.27
N SER B 41 16.68 -37.44 11.26
CA SER B 41 16.95 -38.57 12.16
CA SER B 41 16.96 -38.56 12.16
C SER B 41 18.23 -39.28 11.74
N GLN B 42 18.81 -40.03 12.66
CA GLN B 42 20.05 -40.77 12.39
C GLN B 42 19.89 -41.70 11.19
N GLY B 43 20.85 -41.64 10.29
CA GLY B 43 20.87 -42.51 9.11
C GLY B 43 19.97 -42.06 7.98
N SER B 44 19.24 -40.96 8.20
CA SER B 44 18.36 -40.44 7.17
C SER B 44 19.17 -39.80 6.05
N PRO B 45 18.63 -39.80 4.83
CA PRO B 45 19.34 -39.23 3.69
C PRO B 45 19.61 -37.73 3.88
N GLU B 46 18.65 -37.02 4.46
CA GLU B 46 18.84 -35.58 4.63
C GLU B 46 19.90 -35.27 5.69
N ARG B 47 19.97 -36.08 6.73
CA ARG B 47 21.03 -35.91 7.72
C ARG B 47 22.40 -36.21 7.10
N ASP B 48 22.48 -37.28 6.31
CA ASP B 48 23.74 -37.61 5.64
C ASP B 48 24.16 -36.51 4.68
N ALA B 49 23.21 -35.99 3.91
CA ALA B 49 23.51 -34.95 2.92
C ALA B 49 23.95 -33.66 3.59
N LEU B 50 23.30 -33.31 4.69
CA LEU B 50 23.66 -32.10 5.42
C LEU B 50 25.05 -32.22 6.03
N GLN B 51 25.35 -33.38 6.61
CA GLN B 51 26.67 -33.59 7.18
C GLN B 51 27.76 -33.45 6.12
N LYS B 52 27.49 -33.97 4.93
CA LYS B 52 28.43 -33.86 3.82
C LYS B 52 28.57 -32.40 3.37
N ALA B 53 27.46 -31.70 3.29
CA ALA B 53 27.49 -30.29 2.91
C ALA B 53 28.25 -29.46 3.94
N LEU B 54 28.07 -29.77 5.22
CA LEU B 54 28.81 -29.10 6.28
C LEU B 54 30.30 -29.38 6.14
N LYS B 55 30.64 -30.63 5.85
CA LYS B 55 32.03 -31.02 5.65
C LYS B 55 32.63 -30.25 4.46
N ASP B 56 31.85 -30.10 3.40
CA ASP B 56 32.27 -29.37 2.20
C ASP B 56 32.62 -27.92 2.51
N LEU B 57 31.96 -27.35 3.52
CA LEU B 57 32.19 -25.95 3.88
C LEU B 57 33.31 -25.74 4.88
N LYS B 58 33.68 -26.79 5.61
CA LYS B 58 34.69 -26.63 6.64
C LYS B 58 36.02 -26.25 6.00
N GLY B 59 36.61 -25.18 6.50
CA GLY B 59 37.89 -24.72 5.99
C GLY B 59 37.77 -24.02 4.64
N GLN B 60 36.55 -23.82 4.14
CA GLN B 60 36.39 -23.15 2.85
C GLN B 60 36.01 -21.68 2.96
N THR B 61 36.53 -20.89 2.05
CA THR B 61 36.11 -19.51 1.87
C THR B 61 35.66 -19.34 0.43
N GLU B 62 34.43 -18.90 0.23
CA GLU B 62 33.95 -18.60 -1.12
C GLU B 62 34.15 -17.13 -1.45
N ALA B 63 34.76 -16.85 -2.60
CA ALA B 63 34.89 -15.49 -3.12
C ALA B 63 33.62 -15.20 -3.91
N ILE B 64 32.82 -14.28 -3.38
CA ILE B 64 31.50 -13.97 -3.92
C ILE B 64 31.51 -12.59 -4.55
N PRO B 65 31.30 -12.54 -5.87
CA PRO B 65 31.35 -11.25 -6.58
C PRO B 65 30.01 -10.55 -6.51
N CYS B 66 29.99 -9.27 -6.88
CA CYS B 66 28.74 -8.66 -7.27
C CYS B 66 28.36 -9.24 -8.63
N VAL B 67 27.06 -9.34 -8.89
CA VAL B 67 26.59 -9.79 -10.19
C VAL B 67 25.64 -8.78 -10.79
N VAL B 68 26.05 -8.24 -11.94
CA VAL B 68 25.22 -7.30 -12.68
C VAL B 68 25.02 -7.89 -14.06
N GLY B 69 23.76 -8.15 -14.40
CA GLY B 69 23.47 -8.97 -15.56
C GLY B 69 24.03 -10.37 -15.32
N ASP B 70 24.96 -10.80 -16.17
CA ASP B 70 25.66 -12.06 -15.99
C ASP B 70 27.14 -11.83 -15.69
N GLU B 71 27.51 -10.58 -15.47
CA GLU B 71 28.90 -10.24 -15.22
C GLU B 71 29.23 -10.31 -13.73
N GLU B 72 30.28 -11.05 -13.40
CA GLU B 72 30.80 -11.07 -12.04
C GLU B 72 31.77 -9.92 -11.92
N VAL B 73 31.50 -9.02 -10.97
CA VAL B 73 32.27 -7.79 -10.84
C VAL B 73 32.90 -7.71 -9.45
N TRP B 74 34.17 -7.36 -9.42
CA TRP B 74 34.89 -7.13 -8.17
C TRP B 74 35.28 -5.67 -8.05
N THR B 75 35.07 -5.13 -6.86
CA THR B 75 35.60 -3.83 -6.52
C THR B 75 36.75 -4.05 -5.55
N SER B 76 37.44 -2.99 -5.17
CA SER B 76 38.54 -3.12 -4.23
C SER B 76 38.09 -3.09 -2.76
N ASP B 77 36.80 -2.87 -2.53
CA ASP B 77 36.27 -2.82 -1.16
C ASP B 77 35.94 -4.23 -0.69
N ILE B 78 36.98 -4.96 -0.33
CA ILE B 78 36.89 -6.36 0.06
C ILE B 78 36.36 -6.49 1.49
N GLN B 79 35.42 -7.42 1.67
CA GLN B 79 34.79 -7.65 2.95
C GLN B 79 34.78 -9.14 3.23
N TYR B 80 34.71 -9.52 4.50
CA TYR B 80 34.62 -10.93 4.86
C TYR B 80 33.41 -11.24 5.73
N GLN B 81 32.84 -12.41 5.49
CA GLN B 81 31.83 -12.95 6.38
C GLN B 81 32.48 -14.04 7.23
N LEU B 82 32.28 -13.93 8.55
CA LEU B 82 32.88 -14.87 9.49
C LEU B 82 31.85 -15.87 9.99
N SER B 83 32.30 -17.06 10.34
CA SER B 83 31.42 -18.02 10.98
C SER B 83 31.19 -17.60 12.43
N PRO B 84 29.94 -17.35 12.82
CA PRO B 84 29.72 -16.78 14.16
C PRO B 84 30.29 -17.61 15.30
N PHE B 85 30.28 -18.94 15.17
CA PHE B 85 30.75 -19.81 16.25
C PHE B 85 32.24 -20.17 16.12
N ASN B 86 32.87 -19.70 15.05
CA ASN B 86 34.29 -19.91 14.85
C ASN B 86 34.80 -18.78 13.96
N HIS B 87 34.97 -17.60 14.55
CA HIS B 87 35.19 -16.40 13.76
C HIS B 87 36.56 -16.36 13.07
N ALA B 88 37.43 -17.31 13.40
CA ALA B 88 38.67 -17.47 12.66
C ALA B 88 38.37 -17.95 11.24
N HIS B 89 37.19 -18.54 11.06
CA HIS B 89 36.78 -19.08 9.77
C HIS B 89 36.09 -18.00 8.96
N LYS B 90 36.77 -17.53 7.91
CA LYS B 90 36.14 -16.63 6.95
C LYS B 90 35.37 -17.50 5.98
N VAL B 91 34.04 -17.47 6.06
CA VAL B 91 33.26 -18.34 5.17
C VAL B 91 33.10 -17.74 3.78
N ALA B 92 33.24 -16.42 3.66
CA ALA B 92 33.12 -15.77 2.36
C ALA B 92 33.98 -14.52 2.33
N LYS B 93 34.52 -14.25 1.15
CA LYS B 93 35.16 -12.99 0.84
C LYS B 93 34.29 -12.38 -0.24
N PHE B 94 33.80 -11.17 -0.01
CA PHE B 94 32.95 -10.53 -1.01
C PHE B 94 33.38 -9.08 -1.16
N CYS B 95 32.63 -8.28 -1.89
CA CYS B 95 33.01 -6.89 -2.04
C CYS B 95 31.79 -6.01 -2.07
N TYR B 96 31.98 -4.76 -1.68
CA TYR B 96 30.91 -3.78 -1.75
C TYR B 96 30.87 -3.13 -3.13
N ALA B 97 29.70 -3.12 -3.76
CA ALA B 97 29.51 -2.37 -4.99
C ALA B 97 29.76 -0.89 -4.71
N ASP B 98 30.52 -0.23 -5.58
CA ASP B 98 30.67 1.22 -5.44
C ASP B 98 29.48 1.92 -6.08
N LYS B 99 29.43 3.24 -5.94
CA LYS B 99 28.31 3.98 -6.48
C LYS B 99 28.23 3.83 -8.01
N ALA B 100 29.38 3.79 -8.67
CA ALA B 100 29.40 3.57 -10.12
C ALA B 100 28.74 2.24 -10.48
N LEU B 101 29.08 1.19 -9.75
CA LEU B 101 28.53 -0.12 -10.10
C LEU B 101 27.04 -0.19 -9.79
N LEU B 102 26.63 0.41 -8.68
CA LEU B 102 25.21 0.45 -8.36
C LEU B 102 24.43 1.19 -9.45
N ASN B 103 24.95 2.32 -9.94
CA ASN B 103 24.25 3.04 -10.98
C ASN B 103 24.24 2.28 -12.31
N ARG B 104 25.34 1.56 -12.60
CA ARG B 104 25.36 0.70 -13.78
C ARG B 104 24.30 -0.39 -13.65
N ALA B 105 24.17 -0.95 -12.45
CA ALA B 105 23.18 -2.00 -12.17
C ALA B 105 21.76 -1.48 -12.36
N ILE B 106 21.51 -0.27 -11.89
CA ILE B 106 20.22 0.39 -12.14
C ILE B 106 19.94 0.52 -13.63
N ASP B 107 20.88 1.09 -14.36
CA ASP B 107 20.66 1.32 -15.79
C ASP B 107 20.36 0.02 -16.51
N ALA B 108 21.12 -1.03 -16.19
CA ALA B 108 20.96 -2.31 -16.87
C ALA B 108 19.65 -2.98 -16.49
N ALA B 109 19.26 -2.84 -15.22
CA ALA B 109 17.98 -3.37 -14.78
C ALA B 109 16.83 -2.65 -15.49
N LEU B 110 16.89 -1.33 -15.54
CA LEU B 110 15.85 -0.57 -16.23
C LEU B 110 15.73 -0.97 -17.70
N ALA B 111 16.84 -1.27 -18.35
CA ALA B 111 16.82 -1.65 -19.77
C ALA B 111 16.22 -3.04 -19.99
N ALA B 112 16.15 -3.84 -18.92
CA ALA B 112 15.61 -5.19 -19.00
C ALA B 112 14.16 -5.25 -18.54
N ARG B 113 13.70 -4.18 -17.90
CA ARG B 113 12.42 -4.22 -17.21
C ARG B 113 11.18 -4.42 -18.11
N LYS B 114 11.10 -3.67 -19.21
CA LYS B 114 9.87 -3.71 -20.02
C LYS B 114 9.56 -5.14 -20.48
N GLU B 115 10.57 -5.82 -21.02
CA GLU B 115 10.40 -7.18 -21.50
C GLU B 115 9.94 -8.12 -20.38
N TRP B 116 10.53 -7.96 -19.20
CA TRP B 116 10.21 -8.82 -18.07
C TRP B 116 8.78 -8.57 -17.58
N ASP B 117 8.41 -7.29 -17.50
CA ASP B 117 7.06 -6.88 -17.13
C ASP B 117 6.02 -7.42 -18.11
N LEU B 118 6.36 -7.46 -19.40
CA LEU B 118 5.44 -7.95 -20.42
C LEU B 118 5.31 -9.49 -20.47
N LYS B 119 6.22 -10.20 -19.81
CA LYS B 119 6.14 -11.66 -19.72
C LYS B 119 4.86 -12.06 -19.00
N PRO B 120 4.20 -13.13 -19.45
CA PRO B 120 3.05 -13.62 -18.70
C PRO B 120 3.42 -13.93 -17.25
N MET B 121 2.52 -13.58 -16.34
CA MET B 121 2.74 -13.85 -14.91
C MET B 121 3.15 -15.30 -14.68
N ALA B 122 2.51 -16.22 -15.40
CA ALA B 122 2.77 -17.64 -15.24
C ALA B 122 4.21 -18.01 -15.60
N ASP B 123 4.78 -17.32 -16.58
CA ASP B 123 6.15 -17.57 -16.98
C ASP B 123 7.14 -17.08 -15.90
N ARG B 124 6.83 -15.94 -15.29
CA ARG B 124 7.67 -15.44 -14.21
C ARG B 124 7.55 -16.37 -13.01
N ALA B 125 6.32 -16.82 -12.74
CA ALA B 125 6.09 -17.72 -11.61
C ALA B 125 6.90 -19.01 -11.76
N GLN B 126 7.03 -19.49 -13.00
CA GLN B 126 7.76 -20.73 -13.27
C GLN B 126 9.18 -20.72 -12.73
N VAL B 127 9.84 -19.57 -12.82
CA VAL B 127 11.20 -19.44 -12.32
C VAL B 127 11.22 -19.77 -10.83
N PHE B 128 10.26 -19.20 -10.11
CA PHE B 128 10.22 -19.38 -8.66
C PHE B 128 9.79 -20.77 -8.23
N LEU B 129 8.88 -21.38 -8.99
CA LEU B 129 8.47 -22.75 -8.73
C LEU B 129 9.64 -23.71 -8.97
N LYS B 130 10.41 -23.46 -10.03
CA LYS B 130 11.59 -24.28 -10.29
C LYS B 130 12.63 -24.10 -9.18
N ALA B 131 12.86 -22.84 -8.78
CA ALA B 131 13.81 -22.57 -7.70
C ALA B 131 13.37 -23.28 -6.40
N ALA B 132 12.08 -23.23 -6.11
CA ALA B 132 11.55 -23.91 -4.92
C ALA B 132 11.83 -25.42 -4.96
N ASP B 133 11.65 -26.02 -6.13
CA ASP B 133 11.91 -27.45 -6.24
C ASP B 133 13.39 -27.75 -6.07
N MET B 134 14.26 -26.89 -6.60
CA MET B 134 15.70 -27.08 -6.42
C MET B 134 16.07 -27.00 -4.95
N LEU B 135 15.53 -26.00 -4.26
CA LEU B 135 15.77 -25.82 -2.83
C LEU B 135 15.25 -27.01 -2.01
N SER B 136 14.12 -27.55 -2.42
CA SER B 136 13.50 -28.65 -1.70
C SER B 136 14.36 -29.91 -1.77
N GLY B 137 14.91 -30.16 -2.95
CA GLY B 137 15.62 -31.39 -3.24
C GLY B 137 17.13 -31.25 -3.28
N PRO B 138 17.70 -31.14 -4.48
CA PRO B 138 19.14 -31.24 -4.66
C PRO B 138 19.96 -30.15 -3.96
N ARG B 139 19.36 -28.98 -3.73
CA ARG B 139 20.14 -27.89 -3.12
C ARG B 139 19.80 -27.67 -1.65
N ARG B 140 18.98 -28.53 -1.06
CA ARG B 140 18.56 -28.31 0.33
C ARG B 140 19.74 -28.32 1.28
N ALA B 141 20.57 -29.36 1.17
CA ALA B 141 21.70 -29.49 2.08
C ALA B 141 22.64 -28.29 1.97
N GLU B 142 22.87 -27.84 0.74
CA GLU B 142 23.73 -26.68 0.50
C GLU B 142 23.24 -25.42 1.22
N VAL B 143 21.97 -25.06 0.99
CA VAL B 143 21.47 -23.83 1.59
C VAL B 143 21.35 -23.96 3.11
N LEU B 144 21.01 -25.15 3.60
CA LEU B 144 21.01 -25.38 5.04
C LEU B 144 22.41 -25.21 5.61
N ALA B 145 23.39 -25.88 5.01
CA ALA B 145 24.75 -25.84 5.53
C ALA B 145 25.31 -24.41 5.50
N LYS B 146 25.03 -23.68 4.43
CA LYS B 146 25.58 -22.33 4.32
C LYS B 146 24.95 -21.38 5.35
N THR B 147 23.69 -21.63 5.69
CA THR B 147 22.99 -20.87 6.72
C THR B 147 23.51 -21.24 8.11
N MET B 148 23.79 -22.52 8.31
CA MET B 148 24.39 -22.95 9.58
C MET B 148 25.78 -22.35 9.79
N VAL B 149 26.66 -22.54 8.82
CA VAL B 149 28.05 -22.11 8.98
C VAL B 149 28.20 -20.60 8.93
N GLY B 150 27.43 -19.93 8.08
CA GLY B 150 27.58 -18.50 7.90
C GLY B 150 26.78 -17.64 8.85
N GLN B 151 25.62 -18.13 9.28
CA GLN B 151 24.77 -17.37 10.19
C GLN B 151 24.66 -17.98 11.59
N GLY B 152 25.23 -19.17 11.77
CA GLY B 152 25.29 -19.80 13.07
C GLY B 152 24.03 -20.55 13.50
N LYS B 153 23.19 -20.90 12.54
CA LYS B 153 21.97 -21.64 12.84
C LYS B 153 22.22 -23.10 13.11
N THR B 154 21.40 -23.68 13.98
CA THR B 154 21.35 -25.12 14.15
C THR B 154 20.58 -25.74 12.98
N VAL B 155 20.63 -27.07 12.90
CA VAL B 155 19.97 -27.79 11.83
C VAL B 155 18.52 -27.37 11.66
N ILE B 156 17.74 -27.43 12.74
CA ILE B 156 16.32 -27.14 12.61
C ILE B 156 16.05 -25.68 12.30
N GLN B 157 16.86 -24.77 12.84
CA GLN B 157 16.67 -23.36 12.51
C GLN B 157 16.99 -23.08 11.03
N ALA B 158 17.99 -23.78 10.49
CA ALA B 158 18.30 -23.64 9.06
C ALA B 158 17.17 -24.25 8.22
N GLU B 159 16.69 -25.41 8.64
CA GLU B 159 15.64 -26.15 7.94
C GLU B 159 14.33 -25.36 7.80
N ILE B 160 13.90 -24.71 8.88
CA ILE B 160 12.63 -23.96 8.80
C ILE B 160 12.79 -22.68 8.00
N ASP B 161 14.04 -22.27 7.76
CA ASP B 161 14.34 -20.98 7.14
C ASP B 161 14.76 -21.13 5.68
N ALA B 162 15.99 -21.55 5.46
CA ALA B 162 16.56 -21.59 4.11
C ALA B 162 15.87 -22.62 3.22
N ALA B 163 15.29 -23.64 3.82
CA ALA B 163 14.43 -24.55 3.07
C ALA B 163 12.96 -24.17 3.21
N ALA B 164 12.31 -24.55 4.30
CA ALA B 164 10.84 -24.47 4.32
C ALA B 164 10.25 -23.09 4.04
N GLU B 165 10.69 -22.08 4.77
CA GLU B 165 10.07 -20.76 4.61
C GLU B 165 10.35 -20.17 3.23
N LEU B 166 11.60 -20.30 2.77
CA LEU B 166 11.96 -19.76 1.46
C LEU B 166 11.20 -20.47 0.34
N ILE B 167 11.19 -21.80 0.39
CA ILE B 167 10.41 -22.59 -0.55
C ILE B 167 8.95 -22.17 -0.53
N ASP B 168 8.39 -22.02 0.68
CA ASP B 168 6.99 -21.58 0.81
C ASP B 168 6.73 -20.19 0.23
N PHE B 169 7.62 -19.24 0.49
CA PHE B 169 7.47 -17.92 -0.10
C PHE B 169 7.37 -18.05 -1.63
N PHE B 170 8.29 -18.81 -2.20
CA PHE B 170 8.34 -18.92 -3.65
C PHE B 170 7.08 -19.59 -4.19
N ARG B 171 6.65 -20.69 -3.57
CA ARG B 171 5.47 -21.38 -4.09
C ARG B 171 4.18 -20.64 -3.83
N PHE B 172 3.98 -20.16 -2.61
CA PHE B 172 2.74 -19.46 -2.30
C PHE B 172 2.65 -18.12 -3.02
N ASN B 173 3.75 -17.36 -3.10
CA ASN B 173 3.64 -16.12 -3.86
C ASN B 173 3.35 -16.37 -5.35
N ALA B 174 3.90 -17.47 -5.90
CA ALA B 174 3.59 -17.81 -7.28
C ALA B 174 2.10 -18.06 -7.43
N LYS B 175 1.53 -18.82 -6.50
CA LYS B 175 0.09 -19.11 -6.52
C LYS B 175 -0.71 -17.82 -6.41
N PHE B 176 -0.35 -16.98 -5.45
CA PHE B 176 -1.09 -15.75 -5.24
C PHE B 176 -1.03 -14.88 -6.48
N ALA B 177 0.14 -14.83 -7.11
CA ALA B 177 0.34 -13.97 -8.27
C ALA B 177 -0.42 -14.47 -9.50
N VAL B 178 -0.34 -15.77 -9.76
CA VAL B 178 -1.07 -16.34 -10.89
C VAL B 178 -2.57 -16.14 -10.70
N GLU B 179 -3.03 -16.33 -9.47
CA GLU B 179 -4.47 -16.22 -9.22
C GLU B 179 -4.96 -14.77 -9.19
N LEU B 180 -4.06 -13.84 -8.86
CA LEU B 180 -4.40 -12.41 -8.85
C LEU B 180 -4.92 -11.97 -10.21
N GLU B 181 -4.37 -12.51 -11.28
CA GLU B 181 -4.82 -12.11 -12.62
C GLU B 181 -6.28 -12.48 -12.88
N GLY B 182 -6.83 -13.36 -12.05
CA GLY B 182 -8.24 -13.70 -12.19
C GLY B 182 -9.16 -12.72 -11.49
N GLU B 183 -8.57 -11.80 -10.73
CA GLU B 183 -9.33 -10.73 -10.10
C GLU B 183 -9.56 -9.64 -11.13
N GLN B 184 -10.75 -9.65 -11.73
CA GLN B 184 -11.07 -8.79 -12.87
C GLN B 184 -12.37 -8.04 -12.60
N PRO B 185 -12.50 -6.85 -13.19
CA PRO B 185 -13.69 -6.03 -12.93
C PRO B 185 -14.91 -6.50 -13.71
N ILE B 186 -16.05 -5.86 -13.45
CA ILE B 186 -17.30 -6.14 -14.15
C ILE B 186 -17.28 -5.47 -15.52
N SER B 187 -17.77 -6.18 -16.54
CA SER B 187 -18.00 -5.59 -17.86
C SER B 187 -19.49 -5.51 -18.13
N VAL B 188 -19.93 -4.36 -18.64
CA VAL B 188 -21.32 -4.16 -19.03
C VAL B 188 -21.34 -3.64 -20.48
N PRO B 189 -22.25 -4.16 -21.30
CA PRO B 189 -22.30 -3.65 -22.67
C PRO B 189 -22.41 -2.12 -22.66
N PRO B 190 -21.77 -1.45 -23.63
CA PRO B 190 -21.10 -2.02 -24.80
C PRO B 190 -19.58 -2.18 -24.64
N SER B 191 -19.10 -2.50 -23.44
CA SER B 191 -17.66 -2.40 -23.16
C SER B 191 -17.09 -3.60 -22.41
N THR B 192 -15.80 -3.83 -22.60
CA THR B 192 -15.09 -4.90 -21.90
C THR B 192 -13.98 -4.29 -21.07
N ASN B 193 -13.93 -4.63 -19.79
CA ASN B 193 -12.93 -4.09 -18.87
C ASN B 193 -11.98 -5.18 -18.42
N HIS B 194 -10.71 -4.82 -18.32
CA HIS B 194 -9.68 -5.78 -17.93
C HIS B 194 -8.61 -5.07 -17.11
N THR B 195 -8.18 -5.71 -16.02
CA THR B 195 -7.08 -5.20 -15.22
C THR B 195 -5.77 -5.87 -15.62
N VAL B 196 -4.79 -5.04 -15.91
CA VAL B 196 -3.42 -5.46 -16.19
C VAL B 196 -2.60 -5.20 -14.92
N TYR B 197 -2.02 -6.26 -14.36
CA TYR B 197 -1.24 -6.08 -13.14
C TYR B 197 0.20 -5.76 -13.50
N ARG B 198 0.44 -4.48 -13.81
CA ARG B 198 1.75 -3.99 -14.23
C ARG B 198 2.74 -4.07 -13.07
N GLY B 199 3.99 -4.39 -13.37
CA GLY B 199 5.04 -4.12 -12.40
C GLY B 199 5.17 -2.62 -12.19
N LEU B 200 5.87 -2.23 -11.15
CA LEU B 200 6.16 -0.81 -10.93
C LEU B 200 7.15 -0.32 -11.98
N GLU B 201 6.96 0.91 -12.44
CA GLU B 201 7.82 1.49 -13.46
C GLU B 201 8.99 2.10 -12.73
N GLY B 202 10.17 1.52 -12.93
CA GLY B 202 11.38 1.94 -12.27
C GLY B 202 12.08 0.70 -11.72
N PHE B 203 12.88 0.86 -10.66
CA PHE B 203 13.50 -0.32 -10.03
C PHE B 203 13.18 -0.35 -8.53
N VAL B 204 13.25 -1.54 -7.97
CA VAL B 204 13.03 -1.76 -6.55
C VAL B 204 14.35 -2.09 -5.87
N ALA B 205 14.60 -1.48 -4.71
CA ALA B 205 15.77 -1.81 -3.92
C ALA B 205 15.35 -2.76 -2.80
N ALA B 206 15.99 -3.92 -2.74
CA ALA B 206 15.70 -4.92 -1.71
C ALA B 206 16.87 -4.97 -0.74
N ILE B 207 16.58 -4.81 0.55
CA ILE B 207 17.61 -4.72 1.58
C ILE B 207 17.25 -5.71 2.67
N SER B 208 18.04 -6.77 2.78
CA SER B 208 17.68 -7.91 3.62
C SER B 208 18.57 -8.09 4.85
N PRO B 209 18.05 -8.76 5.89
CA PRO B 209 18.70 -8.89 7.18
C PRO B 209 19.50 -10.17 7.33
N PHE B 210 20.32 -10.24 8.37
CA PHE B 210 21.17 -11.41 8.56
C PHE B 210 20.41 -12.64 9.02
N ASN B 211 19.26 -12.43 9.67
CA ASN B 211 18.76 -13.47 10.55
C ASN B 211 17.92 -14.55 9.89
N PHE B 212 17.45 -14.31 8.67
CA PHE B 212 16.75 -15.33 7.91
C PHE B 212 17.16 -15.30 6.46
N THR B 213 17.70 -16.41 5.99
CA THR B 213 18.01 -16.56 4.58
C THR B 213 16.77 -16.35 3.72
N ALA B 214 15.63 -16.83 4.22
CA ALA B 214 14.39 -16.80 3.45
C ALA B 214 13.91 -15.38 3.20
N ILE B 215 14.16 -14.48 4.15
CA ILE B 215 13.70 -13.10 4.00
C ILE B 215 14.37 -12.42 2.81
N GLY B 216 15.67 -12.65 2.62
CA GLY B 216 16.36 -12.10 1.46
C GLY B 216 15.75 -12.57 0.16
N GLY B 217 15.50 -13.87 0.06
CA GLY B 217 14.89 -14.43 -1.12
C GLY B 217 13.52 -13.82 -1.41
N ASN B 218 12.74 -13.61 -0.38
CA ASN B 218 11.40 -13.02 -0.55
C ASN B 218 11.47 -11.52 -0.88
N LEU B 219 12.37 -10.79 -0.22
CA LEU B 219 12.43 -9.35 -0.46
C LEU B 219 12.82 -9.02 -1.88
N ALA B 220 13.76 -9.77 -2.44
CA ALA B 220 14.13 -9.58 -3.84
C ALA B 220 13.20 -10.32 -4.79
N GLY B 221 12.78 -11.52 -4.39
CA GLY B 221 12.00 -12.39 -5.26
C GLY B 221 10.55 -11.97 -5.48
N ALA B 222 9.86 -11.54 -4.45
CA ALA B 222 8.46 -11.18 -4.60
C ALA B 222 8.26 -10.00 -5.57
N PRO B 223 9.08 -8.94 -5.45
CA PRO B 223 8.88 -7.88 -6.46
C PRO B 223 9.23 -8.37 -7.85
N ALA B 224 10.29 -9.17 -8.00
CA ALA B 224 10.65 -9.69 -9.31
C ALA B 224 9.51 -10.51 -9.95
N LEU B 225 8.87 -11.34 -9.13
CA LEU B 225 7.72 -12.13 -9.58
C LEU B 225 6.65 -11.25 -10.22
N MET B 226 6.46 -10.06 -9.66
CA MET B 226 5.41 -9.15 -10.09
C MET B 226 5.84 -8.24 -11.25
N GLY B 227 6.97 -8.56 -11.87
CA GLY B 227 7.39 -7.84 -13.07
C GLY B 227 8.34 -6.69 -12.81
N ASN B 228 8.86 -6.61 -11.60
CA ASN B 228 9.83 -5.58 -11.25
C ASN B 228 11.26 -6.03 -11.50
N VAL B 229 12.16 -5.05 -11.57
CA VAL B 229 13.59 -5.32 -11.54
C VAL B 229 14.14 -4.78 -10.24
N VAL B 230 15.18 -5.44 -9.73
CA VAL B 230 15.59 -5.32 -8.34
C VAL B 230 17.09 -5.17 -8.21
N LEU B 231 17.51 -4.23 -7.36
CA LEU B 231 18.87 -4.25 -6.84
C LEU B 231 18.81 -4.84 -5.45
N TRP B 232 19.43 -6.00 -5.27
CA TRP B 232 19.40 -6.69 -3.98
C TRP B 232 20.70 -6.49 -3.23
N LYS B 233 20.63 -5.76 -2.12
CA LYS B 233 21.74 -5.66 -1.18
C LYS B 233 21.52 -6.66 -0.08
N PRO B 234 22.20 -7.81 -0.13
CA PRO B 234 22.01 -8.80 0.94
C PRO B 234 22.80 -8.44 2.19
N SER B 235 22.48 -9.09 3.29
CA SER B 235 23.18 -8.83 4.54
C SER B 235 24.60 -9.38 4.52
N ASP B 236 25.56 -8.57 4.95
CA ASP B 236 26.97 -8.99 4.99
C ASP B 236 27.13 -10.29 5.76
N THR B 237 26.40 -10.42 6.86
CA THR B 237 26.55 -11.55 7.75
C THR B 237 25.71 -12.77 7.35
N ALA B 238 25.05 -12.67 6.19
CA ALA B 238 24.35 -13.79 5.59
C ALA B 238 24.74 -13.97 4.13
N MET B 239 25.92 -13.48 3.75
CA MET B 239 26.29 -13.42 2.34
C MET B 239 26.36 -14.79 1.66
N LEU B 240 26.96 -15.77 2.33
CA LEU B 240 27.17 -17.10 1.78
C LEU B 240 25.86 -17.76 1.35
N ALA B 241 24.89 -17.79 2.26
CA ALA B 241 23.60 -18.38 1.93
C ALA B 241 22.81 -17.54 0.93
N SER B 242 22.93 -16.21 1.03
CA SER B 242 22.20 -15.32 0.14
C SER B 242 22.66 -15.52 -1.31
N TYR B 243 23.97 -15.63 -1.51
CA TYR B 243 24.46 -15.85 -2.86
C TYR B 243 24.03 -17.21 -3.39
N ALA B 244 23.96 -18.21 -2.52
CA ALA B 244 23.49 -19.53 -2.93
C ALA B 244 22.07 -19.44 -3.48
N VAL B 245 21.22 -18.67 -2.80
CA VAL B 245 19.86 -18.45 -3.25
C VAL B 245 19.85 -17.71 -4.59
N TYR B 246 20.66 -16.68 -4.72
CA TYR B 246 20.74 -15.93 -5.97
C TYR B 246 21.11 -16.83 -7.14
N ARG B 247 22.15 -17.64 -6.97
CA ARG B 247 22.59 -18.55 -8.02
C ARG B 247 21.46 -19.52 -8.40
N ILE B 248 20.72 -20.01 -7.40
CA ILE B 248 19.62 -20.92 -7.68
C ILE B 248 18.55 -20.24 -8.53
N LEU B 249 18.23 -18.99 -8.21
CA LEU B 249 17.26 -18.26 -9.02
C LEU B 249 17.72 -18.13 -10.46
N ARG B 250 19.00 -17.82 -10.67
CA ARG B 250 19.51 -17.68 -12.02
C ARG B 250 19.45 -19.04 -12.74
N GLU B 251 19.84 -20.10 -12.04
CA GLU B 251 19.80 -21.44 -12.65
C GLU B 251 18.37 -21.86 -12.98
N ALA B 252 17.41 -21.35 -12.21
CA ALA B 252 16.00 -21.68 -12.39
C ALA B 252 15.38 -20.91 -13.55
N GLY B 253 16.16 -20.02 -14.17
CA GLY B 253 15.69 -19.31 -15.34
C GLY B 253 15.47 -17.82 -15.21
N LEU B 254 15.83 -17.24 -14.06
CA LEU B 254 15.70 -15.79 -13.94
C LEU B 254 16.62 -15.11 -14.96
N PRO B 255 16.06 -14.28 -15.84
CA PRO B 255 16.92 -13.66 -16.86
C PRO B 255 17.91 -12.68 -16.25
N PRO B 256 18.94 -12.31 -17.00
CA PRO B 256 19.90 -11.33 -16.50
C PRO B 256 19.25 -9.97 -16.27
N ASN B 257 19.79 -9.22 -15.31
CA ASN B 257 19.36 -7.85 -15.03
C ASN B 257 17.99 -7.71 -14.38
N ILE B 258 17.41 -8.82 -13.96
CA ILE B 258 16.14 -8.76 -13.23
C ILE B 258 16.40 -8.62 -11.73
N ILE B 259 17.35 -9.38 -11.20
CA ILE B 259 17.85 -9.15 -9.85
C ILE B 259 19.36 -8.98 -9.93
N GLN B 260 19.84 -7.81 -9.54
CA GLN B 260 21.27 -7.53 -9.49
C GLN B 260 21.74 -7.85 -8.09
N PHE B 261 22.79 -8.66 -7.99
CA PHE B 261 23.33 -9.06 -6.68
C PHE B 261 24.41 -8.06 -6.29
N VAL B 262 24.04 -7.12 -5.42
CA VAL B 262 24.93 -5.99 -5.12
C VAL B 262 25.09 -5.72 -3.63
N PRO B 263 25.87 -6.58 -2.96
CA PRO B 263 26.33 -6.25 -1.61
C PRO B 263 26.93 -4.85 -1.67
N ALA B 264 26.79 -4.09 -0.58
CA ALA B 264 27.24 -2.70 -0.55
C ALA B 264 27.21 -2.20 0.88
N ASP B 265 28.00 -1.16 1.13
CA ASP B 265 27.89 -0.42 2.37
C ASP B 265 26.46 0.11 2.48
N GLY B 266 25.87 -0.02 3.66
CA GLY B 266 24.47 0.34 3.82
C GLY B 266 24.14 1.79 3.45
N PRO B 267 24.81 2.75 4.10
CA PRO B 267 24.56 4.16 3.77
C PRO B 267 24.80 4.46 2.28
N THR B 268 25.89 3.91 1.73
CA THR B 268 26.23 4.13 0.33
C THR B 268 25.10 3.62 -0.57
N PHE B 269 24.61 2.43 -0.28
CA PHE B 269 23.54 1.83 -1.06
C PHE B 269 22.28 2.70 -0.99
N GLY B 270 21.92 3.10 0.22
CA GLY B 270 20.73 3.90 0.41
C GLY B 270 20.84 5.24 -0.29
N ASP B 271 21.99 5.89 -0.17
CA ASP B 271 22.21 7.18 -0.81
C ASP B 271 22.03 7.05 -2.33
N THR B 272 22.59 5.97 -2.89
CA THR B 272 22.56 5.80 -4.33
C THR B 272 21.15 5.53 -4.84
N VAL B 273 20.44 4.59 -4.22
CA VAL B 273 19.13 4.25 -4.73
C VAL B 273 18.12 5.39 -4.52
N THR B 274 18.23 6.12 -3.41
CA THR B 274 17.29 7.20 -3.16
C THR B 274 17.61 8.46 -3.99
N SER B 275 18.77 8.45 -4.65
CA SER B 275 19.14 9.54 -5.56
C SER B 275 18.72 9.30 -7.00
N SER B 276 18.18 8.12 -7.30
CA SER B 276 17.79 7.81 -8.66
C SER B 276 16.35 8.23 -8.94
N GLU B 277 16.13 8.93 -10.03
CA GLU B 277 14.78 9.32 -10.42
C GLU B 277 13.90 8.10 -10.67
N HIS B 278 14.53 6.94 -10.88
CA HIS B 278 13.81 5.73 -11.26
C HIS B 278 13.47 4.80 -10.10
N LEU B 279 13.76 5.22 -8.88
CA LEU B 279 13.42 4.38 -7.73
C LEU B 279 11.92 4.29 -7.62
N CYS B 280 11.36 3.09 -7.60
CA CYS B 280 9.93 2.98 -7.38
C CYS B 280 9.54 2.19 -6.13
N GLY B 281 10.50 1.59 -5.46
CA GLY B 281 10.18 0.86 -4.25
C GLY B 281 11.41 0.52 -3.45
N ILE B 282 11.23 0.42 -2.14
CA ILE B 282 12.24 -0.12 -1.26
C ILE B 282 11.56 -1.21 -0.44
N ASN B 283 12.10 -2.42 -0.52
CA ASN B 283 11.59 -3.55 0.25
C ASN B 283 12.64 -3.89 1.30
N PHE B 284 12.37 -3.49 2.54
CA PHE B 284 13.39 -3.46 3.58
C PHE B 284 13.00 -4.32 4.76
N THR B 285 13.98 -5.03 5.32
CA THR B 285 13.80 -5.65 6.62
C THR B 285 15.09 -5.46 7.41
N GLY B 286 14.98 -4.89 8.61
CA GLY B 286 16.13 -4.53 9.40
C GLY B 286 15.74 -3.56 10.50
N SER B 287 16.65 -2.68 10.90
CA SER B 287 16.39 -1.80 12.03
C SER B 287 15.46 -0.64 11.72
N VAL B 288 14.66 -0.26 12.71
CA VAL B 288 13.78 0.90 12.59
C VAL B 288 14.52 2.16 12.17
N PRO B 289 15.65 2.47 12.82
CA PRO B 289 16.29 3.73 12.43
C PRO B 289 16.71 3.77 10.97
N THR B 290 17.22 2.65 10.45
CA THR B 290 17.61 2.62 9.05
C THR B 290 16.41 2.79 8.13
N PHE B 291 15.31 2.12 8.45
CA PHE B 291 14.09 2.30 7.65
C PHE B 291 13.62 3.75 7.66
N LYS B 292 13.63 4.39 8.83
CA LYS B 292 13.22 5.78 8.92
C LYS B 292 14.14 6.68 8.09
N HIS B 293 15.45 6.39 8.14
CA HIS B 293 16.43 7.14 7.37
C HIS B 293 16.12 7.06 5.87
N LEU B 294 15.84 5.86 5.38
CA LEU B 294 15.51 5.68 3.97
C LEU B 294 14.22 6.41 3.61
N TRP B 295 13.24 6.34 4.49
CA TRP B 295 11.97 7.01 4.30
C TRP B 295 12.20 8.52 4.17
N ARG B 296 13.03 9.07 5.05
CA ARG B 296 13.36 10.47 4.99
C ARG B 296 14.15 10.86 3.73
N GLN B 297 15.07 10.00 3.30
CA GLN B 297 15.80 10.27 2.08
C GLN B 297 14.88 10.34 0.86
N VAL B 298 13.92 9.42 0.80
CA VAL B 298 12.95 9.45 -0.29
C VAL B 298 12.14 10.75 -0.22
N ALA B 299 11.69 11.13 0.96
CA ALA B 299 10.92 12.37 1.08
C ALA B 299 11.74 13.59 0.67
N GLN B 300 13.02 13.61 1.08
CA GLN B 300 13.88 14.73 0.71
C GLN B 300 13.99 14.87 -0.80
N ASN B 301 14.05 13.74 -1.49
CA ASN B 301 14.24 13.71 -2.94
C ASN B 301 12.97 13.54 -3.75
N LEU B 302 11.82 13.77 -3.13
CA LEU B 302 10.53 13.51 -3.74
CA LEU B 302 10.54 13.48 -3.75
C LEU B 302 10.37 14.12 -5.13
N ASP B 303 10.94 15.32 -5.31
CA ASP B 303 10.74 16.03 -6.58
C ASP B 303 11.44 15.40 -7.78
N ARG B 304 12.45 14.58 -7.53
CA ARG B 304 13.21 13.99 -8.64
C ARG B 304 12.59 12.69 -9.17
N PHE B 305 11.77 12.02 -8.37
CA PHE B 305 11.25 10.72 -8.77
C PHE B 305 10.17 10.84 -9.84
N ARG B 306 10.19 9.88 -10.75
CA ARG B 306 9.18 9.84 -11.81
C ARG B 306 7.83 9.41 -11.24
N THR B 307 7.84 8.61 -10.17
CA THR B 307 6.61 8.33 -9.45
C THR B 307 6.91 8.24 -7.95
N PHE B 308 5.86 8.13 -7.16
CA PHE B 308 6.00 8.04 -5.70
C PHE B 308 6.50 6.66 -5.29
N PRO B 309 7.70 6.60 -4.70
CA PRO B 309 8.24 5.28 -4.34
C PRO B 309 7.43 4.64 -3.22
N ARG B 310 7.37 3.32 -3.25
CA ARG B 310 6.64 2.54 -2.25
C ARG B 310 7.61 1.94 -1.27
N LEU B 311 7.45 2.28 0.00
CA LEU B 311 8.34 1.77 1.04
C LEU B 311 7.64 0.69 1.84
N ALA B 312 8.30 -0.46 1.95
CA ALA B 312 7.82 -1.54 2.79
C ALA B 312 8.93 -1.86 3.77
N GLY B 313 8.58 -1.91 5.05
CA GLY B 313 9.56 -2.17 6.08
C GLY B 313 9.02 -3.09 7.16
N GLU B 314 9.80 -4.12 7.47
CA GLU B 314 9.52 -5.00 8.60
C GLU B 314 10.67 -4.76 9.55
N CYS B 315 10.37 -4.38 10.80
N CYS B 315 10.36 -4.39 10.77
CA CYS B 315 11.36 -3.74 11.68
CA CYS B 315 11.40 -4.07 11.71
C CYS B 315 11.57 -4.24 13.12
C CYS B 315 11.25 -4.93 12.95
N GLY B 316 11.09 -5.44 13.46
N GLY B 316 11.75 -4.42 14.08
CA GLY B 316 11.38 -6.01 14.77
CA GLY B 316 11.94 -5.22 15.26
C GLY B 316 10.40 -5.69 15.88
C GLY B 316 10.72 -5.28 16.17
N GLY B 317 10.78 -5.96 17.13
N GLY B 317 10.91 -5.99 17.28
CA GLY B 317 9.90 -5.71 18.25
CA GLY B 317 9.85 -6.16 18.24
C GLY B 317 10.49 -6.00 19.63
C GLY B 317 10.45 -6.27 19.63
N LYS B 318 9.61 -6.05 20.63
CA LYS B 318 9.95 -6.39 22.00
C LYS B 318 8.80 -7.27 22.46
N ASN B 319 8.88 -8.55 22.13
CA ASN B 319 7.69 -9.39 22.16
C ASN B 319 7.42 -10.07 23.48
N PHE B 320 6.15 -10.30 23.76
CA PHE B 320 5.75 -10.76 25.08
C PHE B 320 5.19 -12.17 25.06
N HIS B 321 5.40 -12.89 26.17
CA HIS B 321 4.56 -14.03 26.51
C HIS B 321 3.86 -13.62 27.82
N PHE B 322 2.53 -13.56 27.78
CA PHE B 322 1.75 -13.19 28.95
C PHE B 322 1.08 -14.44 29.50
N VAL B 323 1.33 -14.74 30.77
CA VAL B 323 0.81 -15.96 31.37
C VAL B 323 -0.31 -15.60 32.33
N HIS B 324 -1.43 -16.31 32.20
CA HIS B 324 -2.53 -16.19 33.14
C HIS B 324 -2.45 -17.36 34.12
N SER B 325 -3.06 -17.22 35.29
CA SER B 325 -2.98 -18.25 36.33
C SER B 325 -3.51 -19.62 35.89
N SER B 326 -4.32 -19.63 34.83
CA SER B 326 -4.91 -20.87 34.32
C SER B 326 -4.04 -21.58 33.27
N ALA B 327 -2.84 -21.04 33.03
CA ALA B 327 -1.96 -21.56 31.99
C ALA B 327 -1.45 -22.97 32.25
N ASP B 328 -1.17 -23.70 31.18
CA ASP B 328 -0.45 -24.97 31.30
C ASP B 328 1.03 -24.64 31.48
N VAL B 329 1.55 -24.93 32.66
CA VAL B 329 2.92 -24.60 33.03
C VAL B 329 3.97 -25.13 32.06
N ASP B 330 3.88 -26.42 31.73
CA ASP B 330 4.88 -27.03 30.88
C ASP B 330 4.94 -26.33 29.52
N SER B 331 3.76 -25.96 29.01
CA SER B 331 3.68 -25.29 27.71
C SER B 331 4.30 -23.90 27.79
N VAL B 332 4.04 -23.19 28.88
CA VAL B 332 4.66 -21.90 29.11
C VAL B 332 6.19 -22.04 29.08
N VAL B 333 6.70 -23.05 29.79
CA VAL B 333 8.13 -23.23 29.91
C VAL B 333 8.81 -23.57 28.57
N SER B 334 8.34 -24.60 27.88
CA SER B 334 8.96 -25.01 26.64
CA SER B 334 8.94 -25.03 26.63
C SER B 334 8.79 -23.95 25.55
N GLY B 335 7.58 -23.41 25.45
CA GLY B 335 7.30 -22.38 24.45
C GLY B 335 8.13 -21.14 24.68
N THR B 336 8.33 -20.78 25.95
CA THR B 336 9.11 -19.60 26.26
C THR B 336 10.61 -19.82 26.06
N LEU B 337 11.11 -20.99 26.47
CA LEU B 337 12.52 -21.31 26.20
C LEU B 337 12.82 -21.28 24.71
N ARG B 338 11.94 -21.86 23.91
CA ARG B 338 12.13 -21.83 22.47
C ARG B 338 12.07 -20.41 21.92
N SER B 339 11.02 -19.68 22.29
CA SER B 339 10.87 -18.33 21.73
C SER B 339 11.99 -17.39 22.14
N ALA B 340 12.42 -17.46 23.39
CA ALA B 340 13.44 -16.55 23.87
C ALA B 340 14.83 -16.90 23.34
N PHE B 341 15.12 -18.19 23.19
CA PHE B 341 16.51 -18.61 23.04
C PHE B 341 16.86 -19.27 21.71
N GLU B 342 15.88 -19.77 20.96
CA GLU B 342 16.23 -20.33 19.66
C GLU B 342 16.92 -19.29 18.79
N TYR B 343 17.92 -19.74 18.04
CA TYR B 343 18.78 -18.86 17.26
C TYR B 343 19.29 -17.69 18.11
N GLY B 344 19.56 -17.97 19.38
CA GLY B 344 20.09 -16.95 20.27
C GLY B 344 19.18 -15.75 20.47
N GLY B 345 17.88 -15.94 20.32
CA GLY B 345 16.92 -14.84 20.44
C GLY B 345 17.03 -13.81 19.32
N GLN B 346 17.71 -14.16 18.23
CA GLN B 346 17.95 -13.22 17.14
C GLN B 346 16.81 -13.26 16.13
N LYS B 347 15.61 -13.03 16.65
CA LYS B 347 14.43 -12.97 15.81
C LYS B 347 13.62 -11.76 16.19
N CYS B 348 13.06 -11.08 15.19
CA CYS B 348 12.19 -9.95 15.47
C CYS B 348 10.93 -10.38 16.21
N SER B 349 10.67 -11.69 16.21
CA SER B 349 9.51 -12.30 16.85
C SER B 349 9.79 -12.92 18.21
N ALA B 350 11.06 -12.94 18.61
CA ALA B 350 11.47 -13.63 19.84
C ALA B 350 10.86 -13.03 21.10
N CYS B 351 10.42 -13.89 22.02
CA CYS B 351 9.95 -13.44 23.32
C CYS B 351 11.12 -12.89 24.13
N SER B 352 11.01 -11.64 24.58
CA SER B 352 12.01 -11.06 25.47
C SER B 352 11.42 -10.52 26.76
N ARG B 353 10.10 -10.56 26.88
CA ARG B 353 9.47 -10.23 28.15
C ARG B 353 8.39 -11.26 28.49
N LEU B 354 8.53 -11.85 29.67
CA LEU B 354 7.61 -12.85 30.17
C LEU B 354 6.89 -12.27 31.38
N TYR B 355 5.56 -12.23 31.33
CA TYR B 355 4.74 -11.76 32.44
C TYR B 355 4.11 -12.96 33.13
N VAL B 356 4.42 -13.15 34.41
CA VAL B 356 3.97 -14.34 35.16
C VAL B 356 3.18 -13.93 36.40
N PRO B 357 2.02 -14.56 36.65
CA PRO B 357 1.30 -14.27 37.90
C PRO B 357 2.00 -14.89 39.09
N LYS B 358 1.97 -14.19 40.22
CA LYS B 358 2.65 -14.65 41.43
C LYS B 358 2.30 -16.10 41.79
N SER B 359 1.05 -16.49 41.59
CA SER B 359 0.60 -17.83 41.99
C SER B 359 1.32 -18.96 41.26
N LEU B 360 1.84 -18.66 40.07
CA LEU B 360 2.49 -19.67 39.24
C LEU B 360 4.01 -19.51 39.20
N TRP B 361 4.51 -18.43 39.77
CA TRP B 361 5.92 -18.11 39.64
C TRP B 361 6.87 -19.14 40.28
N PRO B 362 6.54 -19.63 41.48
CA PRO B 362 7.41 -20.68 42.04
C PRO B 362 7.52 -21.88 41.11
N GLN B 363 6.40 -22.36 40.57
CA GLN B 363 6.42 -23.47 39.63
C GLN B 363 7.20 -23.14 38.35
N ILE B 364 6.87 -22.00 37.75
CA ILE B 364 7.49 -21.64 36.48
C ILE B 364 8.98 -21.32 36.63
N LYS B 365 9.35 -20.64 37.71
CA LYS B 365 10.76 -20.33 37.96
C LYS B 365 11.57 -21.60 38.11
N GLY B 366 11.07 -22.52 38.93
CA GLY B 366 11.76 -23.78 39.15
C GLY B 366 12.00 -24.54 37.87
N ARG B 367 10.95 -24.66 37.05
CA ARG B 367 11.04 -25.38 35.79
C ARG B 367 11.95 -24.67 34.78
N LEU B 368 11.84 -23.35 34.68
CA LEU B 368 12.71 -22.59 33.79
C LEU B 368 14.18 -22.79 34.15
N LEU B 369 14.50 -22.72 35.44
CA LEU B 369 15.88 -22.87 35.88
C LEU B 369 16.41 -24.28 35.63
N GLU B 370 15.57 -25.27 35.86
CA GLU B 370 15.96 -26.66 35.65
C GLU B 370 16.26 -26.88 34.17
N GLU B 371 15.32 -26.52 33.32
CA GLU B 371 15.50 -26.71 31.89
C GLU B 371 16.65 -25.86 31.36
N HIS B 372 16.80 -24.65 31.89
CA HIS B 372 17.91 -23.79 31.50
C HIS B 372 19.25 -24.52 31.62
N SER B 373 19.39 -25.27 32.72
CA SER B 373 20.67 -25.93 33.01
C SER B 373 20.99 -27.03 32.00
N ARG B 374 19.98 -27.44 31.24
CA ARG B 374 20.14 -28.51 30.26
C ARG B 374 20.39 -27.99 28.84
N ILE B 375 20.27 -26.69 28.65
CA ILE B 375 20.46 -26.12 27.31
C ILE B 375 21.93 -26.14 26.92
N LYS B 376 22.24 -26.74 25.77
CA LYS B 376 23.61 -26.80 25.27
C LYS B 376 23.87 -25.68 24.26
N VAL B 377 24.90 -24.89 24.52
CA VAL B 377 25.35 -23.87 23.57
C VAL B 377 26.71 -24.30 23.02
N GLY B 378 26.84 -24.32 21.71
CA GLY B 378 28.06 -24.80 21.08
C GLY B 378 28.02 -24.74 19.57
N ASP B 379 28.88 -25.53 18.94
CA ASP B 379 29.08 -25.54 17.51
C ASP B 379 27.98 -26.38 16.86
N PRO B 380 27.11 -25.75 16.04
CA PRO B 380 25.93 -26.44 15.49
C PRO B 380 26.29 -27.39 14.35
N ALA B 381 27.44 -27.20 13.72
CA ALA B 381 27.89 -28.10 12.66
C ALA B 381 28.50 -29.36 13.25
N GLU B 382 29.25 -29.20 14.34
CA GLU B 382 29.96 -30.33 14.95
C GLU B 382 29.13 -31.10 15.96
N ASP B 383 28.19 -30.43 16.61
CA ASP B 383 27.41 -31.04 17.68
C ASP B 383 25.92 -30.76 17.46
N PHE B 384 25.21 -31.75 16.93
CA PHE B 384 23.78 -31.58 16.68
C PHE B 384 22.97 -31.54 17.98
N GLY B 385 23.63 -31.81 19.11
CA GLY B 385 22.99 -31.65 20.41
C GLY B 385 22.84 -30.19 20.81
N THR B 386 23.49 -29.31 20.08
CA THR B 386 23.42 -27.87 20.35
C THR B 386 21.99 -27.33 20.27
N PHE B 387 21.53 -26.63 21.30
CA PHE B 387 20.22 -25.99 21.22
C PHE B 387 20.30 -24.71 20.40
N PHE B 388 21.28 -23.86 20.73
CA PHE B 388 21.58 -22.70 19.89
C PHE B 388 23.05 -22.36 20.00
N SER B 389 23.55 -21.52 19.08
CA SER B 389 24.97 -21.25 19.00
C SER B 389 25.28 -19.77 19.23
N ALA B 390 26.48 -19.38 18.82
CA ALA B 390 26.95 -18.01 18.95
C ALA B 390 26.02 -17.01 18.28
N VAL B 391 26.02 -15.78 18.77
CA VAL B 391 25.31 -14.69 18.10
C VAL B 391 26.10 -14.23 16.89
N ILE B 392 25.51 -13.37 16.08
CA ILE B 392 25.95 -13.21 14.70
C ILE B 392 27.33 -12.60 14.51
N ASP B 393 27.68 -11.59 15.29
CA ASP B 393 28.93 -10.87 15.07
C ASP B 393 29.42 -10.14 16.32
N ALA B 394 30.58 -9.49 16.19
CA ALA B 394 31.19 -8.78 17.30
C ALA B 394 30.31 -7.64 17.81
N LYS B 395 29.61 -6.96 16.91
CA LYS B 395 28.76 -5.85 17.30
C LYS B 395 27.59 -6.32 18.17
N ALA B 396 26.96 -7.42 17.76
CA ALA B 396 25.87 -7.99 18.53
C ALA B 396 26.37 -8.44 19.90
N PHE B 397 27.51 -9.13 19.91
CA PHE B 397 28.11 -9.61 21.14
C PHE B 397 28.36 -8.46 22.11
N ALA B 398 28.90 -7.36 21.59
CA ALA B 398 29.20 -6.20 22.44
C ALA B 398 27.93 -5.58 23.03
N ARG B 399 26.88 -5.49 22.21
CA ARG B 399 25.63 -4.91 22.66
C ARG B 399 25.00 -5.77 23.75
N ILE B 400 24.97 -7.07 23.51
CA ILE B 400 24.41 -8.00 24.49
C ILE B 400 25.21 -7.94 25.80
N LYS B 401 26.53 -7.91 25.69
CA LYS B 401 27.38 -7.81 26.87
C LYS B 401 27.02 -6.57 27.69
N LYS B 402 26.76 -5.46 27.03
CA LYS B 402 26.40 -4.22 27.72
C LYS B 402 25.08 -4.38 28.49
N TRP B 403 24.14 -5.11 27.92
CA TRP B 403 22.87 -5.36 28.60
C TRP B 403 23.04 -6.28 29.80
N LEU B 404 23.92 -7.27 29.69
CA LEU B 404 24.19 -8.16 30.81
C LEU B 404 24.80 -7.34 31.94
N GLU B 405 25.68 -6.42 31.58
CA GLU B 405 26.31 -5.55 32.58
C GLU B 405 25.28 -4.62 33.21
N HIS B 406 24.31 -4.18 32.42
CA HIS B 406 23.22 -3.36 32.94
C HIS B 406 22.36 -4.15 33.94
N ALA B 407 22.17 -5.43 33.68
CA ALA B 407 21.37 -6.28 34.56
C ALA B 407 22.01 -6.38 35.93
N ARG B 408 23.34 -6.51 35.96
CA ARG B 408 24.06 -6.60 37.23
C ARG B 408 24.03 -5.27 37.98
N SER B 409 24.18 -4.17 37.25
CA SER B 409 24.27 -2.86 37.88
C SER B 409 22.92 -2.31 38.32
N SER B 410 21.87 -2.59 37.55
CA SER B 410 20.54 -2.08 37.86
C SER B 410 19.96 -2.72 39.13
N PRO B 411 19.53 -1.88 40.08
CA PRO B 411 18.98 -2.40 41.34
C PRO B 411 17.64 -3.11 41.13
N SER B 412 16.98 -2.87 40.00
CA SER B 412 15.69 -3.49 39.75
C SER B 412 15.81 -4.82 39.01
N LEU B 413 17.03 -5.16 38.57
CA LEU B 413 17.25 -6.38 37.80
C LEU B 413 18.10 -7.38 38.58
N SER B 414 17.76 -8.65 38.43
CA SER B 414 18.55 -9.73 38.99
C SER B 414 18.69 -10.86 37.97
N ILE B 415 19.94 -11.31 37.76
CA ILE B 415 20.18 -12.43 36.87
C ILE B 415 19.86 -13.74 37.58
N LEU B 416 18.85 -14.46 37.08
CA LEU B 416 18.44 -15.73 37.69
C LEU B 416 19.24 -16.90 37.16
N ALA B 417 19.58 -16.85 35.88
CA ALA B 417 20.32 -17.93 35.23
C ALA B 417 21.13 -17.37 34.06
N GLY B 418 22.26 -18.00 33.77
CA GLY B 418 23.14 -17.54 32.72
C GLY B 418 23.89 -16.26 33.10
N GLY B 419 24.23 -15.47 32.10
CA GLY B 419 24.98 -14.24 32.32
C GLY B 419 26.40 -14.32 31.82
N GLN B 420 26.84 -15.51 31.46
CA GLN B 420 28.21 -15.71 30.97
C GLN B 420 28.31 -15.48 29.47
N CYS B 421 29.49 -15.11 29.02
CA CYS B 421 29.76 -14.97 27.60
C CYS B 421 31.26 -15.05 27.34
N ASN B 422 31.62 -15.48 26.13
CA ASN B 422 33.02 -15.72 25.78
C ASN B 422 33.17 -15.55 24.29
N GLU B 423 33.97 -14.59 23.85
CA GLU B 423 34.16 -14.37 22.41
C GLU B 423 35.54 -14.80 21.91
N SER B 424 36.19 -15.69 22.65
CA SER B 424 37.53 -16.14 22.27
C SER B 424 37.55 -16.96 20.97
N VAL B 425 36.52 -17.77 20.75
CA VAL B 425 36.46 -18.66 19.59
C VAL B 425 35.27 -18.30 18.69
N GLY B 426 34.10 -18.13 19.31
CA GLY B 426 32.92 -17.64 18.62
C GLY B 426 32.25 -16.58 19.49
N TYR B 427 31.18 -15.97 18.98
CA TYR B 427 30.48 -14.95 19.75
C TYR B 427 29.44 -15.57 20.68
N TYR B 428 29.94 -16.30 21.67
CA TYR B 428 29.09 -17.13 22.50
C TYR B 428 28.52 -16.43 23.73
N VAL B 429 27.20 -16.47 23.83
CA VAL B 429 26.47 -15.91 24.95
C VAL B 429 25.54 -16.99 25.49
N GLU B 430 25.66 -17.31 26.77
CA GLU B 430 24.77 -18.30 27.35
C GLU B 430 23.36 -17.72 27.43
N PRO B 431 22.34 -18.59 27.40
CA PRO B 431 20.98 -18.07 27.60
C PRO B 431 20.89 -17.41 28.96
N CYS B 432 20.23 -16.27 29.01
CA CYS B 432 20.17 -15.50 30.24
C CYS B 432 18.72 -15.20 30.61
N ILE B 433 18.38 -15.52 31.86
CA ILE B 433 17.06 -15.19 32.39
C ILE B 433 17.21 -14.18 33.51
N ILE B 434 16.53 -13.05 33.37
CA ILE B 434 16.61 -11.95 34.31
C ILE B 434 15.23 -11.66 34.86
N GLU B 435 15.16 -11.34 36.16
CA GLU B 435 13.90 -10.87 36.71
C GLU B 435 13.96 -9.36 36.92
N SER B 436 12.93 -8.65 36.47
CA SER B 436 12.81 -7.24 36.75
C SER B 436 11.69 -7.00 37.75
N LYS B 437 11.96 -6.16 38.75
CA LYS B 437 10.93 -5.74 39.67
C LYS B 437 10.24 -4.49 39.12
N ASP B 438 10.76 -3.96 38.01
CA ASP B 438 10.24 -2.74 37.42
C ASP B 438 9.71 -3.04 36.02
N PRO B 439 8.40 -2.94 35.83
CA PRO B 439 7.85 -3.31 34.53
C PRO B 439 8.18 -2.30 33.44
N GLN B 440 8.71 -1.14 33.83
CA GLN B 440 9.13 -0.12 32.87
C GLN B 440 10.65 0.01 32.74
N GLU B 441 11.38 -0.96 33.29
CA GLU B 441 12.84 -0.94 33.17
C GLU B 441 13.19 -0.88 31.68
N PRO B 442 14.24 -0.14 31.32
CA PRO B 442 14.65 -0.11 29.92
C PRO B 442 14.80 -1.50 29.30
N ILE B 443 15.19 -2.51 30.07
CA ILE B 443 15.38 -3.84 29.50
C ILE B 443 14.04 -4.47 29.08
N MET B 444 12.95 -3.96 29.64
CA MET B 444 11.61 -4.41 29.26
C MET B 444 11.12 -3.72 28.00
N LYS B 445 11.86 -2.69 27.56
CA LYS B 445 11.43 -1.83 26.46
C LYS B 445 12.26 -1.99 25.19
N GLU B 446 13.57 -2.16 25.35
CA GLU B 446 14.49 -2.08 24.22
C GLU B 446 14.85 -3.45 23.65
N GLU B 447 14.84 -3.55 22.33
CA GLU B 447 15.14 -4.81 21.65
C GLU B 447 16.63 -5.12 21.74
N ILE B 448 16.96 -6.29 22.29
CA ILE B 448 18.35 -6.68 22.48
C ILE B 448 18.88 -7.54 21.34
N PHE B 449 18.02 -8.38 20.77
CA PHE B 449 18.43 -9.32 19.73
C PHE B 449 19.56 -10.24 20.22
N GLY B 450 19.33 -10.79 21.41
CA GLY B 450 20.22 -11.76 22.01
C GLY B 450 19.42 -12.70 22.89
N PRO B 451 20.09 -13.70 23.50
CA PRO B 451 19.35 -14.71 24.25
C PRO B 451 19.10 -14.23 25.68
N VAL B 452 18.31 -13.17 25.80
CA VAL B 452 18.13 -12.48 27.07
C VAL B 452 16.65 -12.28 27.35
N LEU B 453 16.13 -13.06 28.29
CA LEU B 453 14.71 -13.03 28.64
C LEU B 453 14.53 -12.29 29.96
N THR B 454 13.61 -11.33 29.99
CA THR B 454 13.31 -10.60 31.22
C THR B 454 11.93 -11.01 31.72
N VAL B 455 11.85 -11.34 33.01
CA VAL B 455 10.61 -11.78 33.61
C VAL B 455 10.07 -10.74 34.57
N TYR B 456 8.78 -10.41 34.45
CA TYR B 456 8.12 -9.54 35.42
C TYR B 456 7.01 -10.33 36.09
N VAL B 457 7.04 -10.38 37.42
CA VAL B 457 6.03 -11.13 38.15
C VAL B 457 4.96 -10.17 38.68
N TYR B 458 3.70 -10.44 38.33
CA TYR B 458 2.61 -9.54 38.71
C TYR B 458 1.66 -10.26 39.67
N PRO B 459 1.04 -9.51 40.59
CA PRO B 459 0.08 -10.15 41.49
C PRO B 459 -1.16 -10.59 40.74
N ASP B 460 -1.66 -11.79 41.01
CA ASP B 460 -2.81 -12.32 40.27
C ASP B 460 -3.95 -11.30 40.20
N ASP B 461 -4.20 -10.60 41.30
CA ASP B 461 -5.34 -9.69 41.39
C ASP B 461 -5.23 -8.47 40.47
N LYS B 462 -4.06 -8.29 39.86
CA LYS B 462 -3.82 -7.14 38.97
C LYS B 462 -3.64 -7.56 37.52
N TYR B 463 -4.22 -8.70 37.14
CA TYR B 463 -4.04 -9.17 35.77
C TYR B 463 -4.53 -8.17 34.73
N ARG B 464 -5.66 -7.50 34.99
CA ARG B 464 -6.23 -6.57 34.03
C ARG B 464 -5.31 -5.37 33.83
N GLU B 465 -4.82 -4.82 34.94
CA GLU B 465 -3.93 -3.69 34.89
C GLU B 465 -2.63 -4.07 34.20
N THR B 466 -2.19 -5.31 34.44
CA THR B 466 -0.96 -5.79 33.85
C THR B 466 -1.10 -5.96 32.33
N LEU B 467 -2.29 -6.37 31.88
CA LEU B 467 -2.54 -6.44 30.44
C LEU B 467 -2.35 -5.08 29.79
N LYS B 468 -2.77 -4.01 30.47
CA LYS B 468 -2.51 -2.67 29.97
C LYS B 468 -1.00 -2.37 29.88
N LEU B 469 -0.24 -2.80 30.89
CA LEU B 469 1.21 -2.64 30.81
C LEU B 469 1.83 -3.39 29.63
N VAL B 470 1.36 -4.60 29.38
CA VAL B 470 1.85 -5.37 28.24
C VAL B 470 1.70 -4.54 26.97
N ASP B 471 0.55 -3.90 26.83
CA ASP B 471 0.17 -3.15 25.63
C ASP B 471 0.95 -1.84 25.48
N SER B 472 1.22 -1.16 26.60
CA SER B 472 1.75 0.21 26.58
C SER B 472 3.25 0.34 26.79
N THR B 473 3.87 -0.68 27.34
CA THR B 473 5.26 -0.55 27.80
C THR B 473 6.27 -0.27 26.70
N THR B 474 6.12 -0.92 25.55
CA THR B 474 7.08 -0.78 24.47
C THR B 474 6.51 0.00 23.29
N SER B 475 7.37 0.29 22.33
CA SER B 475 6.97 1.03 21.13
CA SER B 475 6.97 1.03 21.14
C SER B 475 6.61 0.08 19.99
N TYR B 476 6.68 -1.22 20.26
CA TYR B 476 6.56 -2.24 19.22
C TYR B 476 5.21 -2.95 19.19
N GLY B 477 4.92 -3.62 18.08
CA GLY B 477 3.62 -4.29 17.94
C GLY B 477 3.71 -5.54 17.09
N LEU B 478 4.78 -6.31 17.27
CA LEU B 478 5.06 -7.40 16.35
C LEU B 478 4.42 -8.73 16.77
N THR B 479 5.00 -9.44 17.75
CA THR B 479 4.39 -10.70 18.17
C THR B 479 4.10 -10.75 19.65
N GLY B 480 3.25 -11.70 20.04
CA GLY B 480 2.96 -11.89 21.45
C GLY B 480 2.11 -13.11 21.63
N ALA B 481 2.14 -13.66 22.84
CA ALA B 481 1.37 -14.85 23.16
C ALA B 481 0.68 -14.67 24.49
N VAL B 482 -0.50 -15.25 24.60
CA VAL B 482 -1.16 -15.40 25.89
C VAL B 482 -1.27 -16.88 26.19
N PHE B 483 -0.84 -17.27 27.38
CA PHE B 483 -1.01 -18.64 27.86
C PHE B 483 -2.11 -18.66 28.91
N ALA B 484 -3.21 -19.32 28.58
CA ALA B 484 -4.37 -19.37 29.45
C ALA B 484 -5.33 -20.44 28.98
N GLN B 485 -5.99 -21.12 29.92
CA GLN B 485 -6.98 -22.13 29.56
C GLN B 485 -8.40 -21.67 29.87
N ASP B 486 -8.54 -20.47 30.43
CA ASP B 486 -9.83 -19.88 30.71
C ASP B 486 -10.31 -19.13 29.47
N LYS B 487 -11.43 -19.57 28.91
CA LYS B 487 -11.93 -19.01 27.65
C LYS B 487 -12.25 -17.52 27.74
N ALA B 488 -12.88 -17.11 28.83
CA ALA B 488 -13.22 -15.70 29.00
C ALA B 488 -11.96 -14.86 29.07
N ILE B 489 -10.94 -15.38 29.75
CA ILE B 489 -9.66 -14.68 29.87
C ILE B 489 -9.01 -14.53 28.50
N VAL B 490 -9.04 -15.61 27.72
CA VAL B 490 -8.45 -15.58 26.39
C VAL B 490 -9.16 -14.54 25.52
N GLN B 491 -10.49 -14.51 25.58
CA GLN B 491 -11.26 -13.53 24.83
C GLN B 491 -10.91 -12.10 25.25
N GLU B 492 -10.83 -11.87 26.57
CA GLU B 492 -10.51 -10.55 27.10
C GLU B 492 -9.10 -10.11 26.68
N ALA B 493 -8.12 -11.00 26.88
CA ALA B 493 -6.75 -10.68 26.52
C ALA B 493 -6.63 -10.41 25.02
N THR B 494 -7.35 -11.20 24.23
CA THR B 494 -7.32 -11.03 22.78
C THR B 494 -7.82 -9.64 22.39
N ARG B 495 -8.92 -9.21 23.00
CA ARG B 495 -9.46 -7.88 22.73
C ARG B 495 -8.50 -6.78 23.19
N MET B 496 -7.95 -6.94 24.39
CA MET B 496 -7.08 -5.91 24.96
C MET B 496 -5.75 -5.75 24.22
N LEU B 497 -5.24 -6.83 23.66
CA LEU B 497 -3.90 -6.83 23.07
C LEU B 497 -3.96 -6.78 21.54
N ARG B 498 -5.13 -6.40 21.03
CA ARG B 498 -5.38 -6.35 19.59
C ARG B 498 -4.30 -5.64 18.79
N ASN B 499 -3.80 -4.52 19.32
CA ASN B 499 -2.75 -3.77 18.63
C ASN B 499 -1.35 -3.92 19.21
N ALA B 500 -1.21 -4.80 20.19
CA ALA B 500 0.10 -5.09 20.77
C ALA B 500 0.89 -6.11 19.95
N ALA B 501 0.21 -6.82 19.06
CA ALA B 501 0.85 -7.85 18.25
C ALA B 501 0.12 -8.09 16.93
N GLY B 502 0.86 -8.03 15.82
CA GLY B 502 0.30 -8.35 14.51
C GLY B 502 0.24 -9.86 14.29
N ASN B 503 1.08 -10.59 15.03
CA ASN B 503 0.99 -12.03 15.08
C ASN B 503 0.80 -12.40 16.52
N PHE B 504 -0.40 -12.84 16.84
CA PHE B 504 -0.81 -13.07 18.22
C PHE B 504 -1.06 -14.56 18.40
N TYR B 505 -0.60 -15.09 19.53
CA TYR B 505 -0.61 -16.53 19.74
C TYR B 505 -1.33 -16.87 21.01
N ILE B 506 -2.22 -17.85 20.93
CA ILE B 506 -2.91 -18.37 22.10
CA ILE B 506 -2.92 -18.38 22.09
C ILE B 506 -2.40 -19.77 22.41
N ASN B 507 -1.71 -19.89 23.54
CA ASN B 507 -1.12 -21.17 23.94
C ASN B 507 -0.13 -21.74 22.94
N ASP B 508 0.62 -20.85 22.30
CA ASP B 508 1.77 -21.27 21.51
C ASP B 508 2.83 -20.19 21.60
N LYS B 509 4.05 -20.51 21.18
CA LYS B 509 5.16 -19.56 21.25
C LYS B 509 5.07 -18.45 20.21
N SER B 510 5.76 -17.34 20.50
CA SER B 510 5.59 -16.14 19.68
C SER B 510 6.40 -16.13 18.39
N THR B 511 7.22 -17.16 18.16
CA THR B 511 8.03 -17.27 16.95
C THR B 511 7.52 -18.37 16.03
N GLY B 512 8.05 -18.41 14.82
CA GLY B 512 7.78 -19.52 13.91
C GLY B 512 6.57 -19.39 13.02
N SER B 513 6.28 -18.18 12.54
CA SER B 513 5.20 -18.03 11.58
C SER B 513 5.46 -18.91 10.35
N VAL B 514 4.40 -19.51 9.84
CA VAL B 514 4.47 -20.38 8.67
C VAL B 514 3.69 -19.75 7.51
N VAL B 515 4.32 -19.70 6.35
CA VAL B 515 3.73 -19.08 5.16
C VAL B 515 2.36 -19.69 4.88
N GLY B 516 1.37 -18.83 4.62
CA GLY B 516 0.03 -19.27 4.29
C GLY B 516 -0.82 -19.61 5.50
N GLN B 517 -0.18 -19.70 6.68
CA GLN B 517 -0.88 -20.06 7.91
C GLN B 517 -0.88 -18.89 8.90
N GLN B 518 0.29 -18.28 9.10
CA GLN B 518 0.38 -17.04 9.87
C GLN B 518 1.16 -15.99 9.08
N PRO B 519 0.49 -15.32 8.13
CA PRO B 519 1.10 -14.18 7.46
C PRO B 519 1.72 -13.25 8.51
N PHE B 520 2.93 -12.77 8.24
CA PHE B 520 3.75 -12.19 9.31
C PHE B 520 3.94 -10.70 9.20
N GLY B 521 3.81 -10.02 10.34
CA GLY B 521 4.14 -8.60 10.40
C GLY B 521 3.30 -7.91 11.44
N GLY B 522 3.74 -6.72 11.84
CA GLY B 522 2.99 -5.95 12.81
C GLY B 522 3.22 -4.47 12.65
N ALA B 523 2.43 -3.68 13.36
CA ALA B 523 2.46 -2.23 13.24
C ALA B 523 3.16 -1.59 14.44
N ARG B 524 2.61 -0.48 14.93
CA ARG B 524 3.38 0.39 15.84
C ARG B 524 4.79 0.60 15.25
N ALA B 525 5.85 0.48 16.03
CA ALA B 525 7.18 0.73 15.47
C ALA B 525 7.74 -0.45 14.68
N SER B 526 6.96 -1.53 14.56
CA SER B 526 7.47 -2.77 14.00
C SER B 526 7.43 -2.83 12.47
N GLY B 527 6.91 -1.79 11.85
CA GLY B 527 6.96 -1.71 10.40
C GLY B 527 5.64 -1.34 9.76
N THR B 528 5.57 -1.56 8.45
CA THR B 528 4.43 -1.15 7.64
C THR B 528 3.35 -2.25 7.58
N ASN B 529 3.67 -3.43 8.08
CA ASN B 529 2.73 -4.57 8.14
C ASN B 529 2.09 -4.98 6.82
N ASP B 530 2.92 -5.30 5.85
CA ASP B 530 2.40 -5.73 4.56
C ASP B 530 2.16 -7.23 4.46
N LYS B 531 2.43 -7.93 5.57
CA LYS B 531 2.05 -9.34 5.71
C LYS B 531 2.62 -10.27 4.62
N PRO B 532 3.94 -10.23 4.43
CA PRO B 532 4.56 -11.32 3.66
C PRO B 532 4.13 -12.65 4.27
N GLY B 533 3.87 -13.63 3.41
CA GLY B 533 3.34 -14.89 3.87
C GLY B 533 1.84 -15.02 3.66
N GLY B 534 1.18 -13.91 3.35
CA GLY B 534 -0.24 -13.91 3.02
C GLY B 534 -0.50 -13.50 1.59
N PRO B 535 -1.76 -13.53 1.18
CA PRO B 535 -2.14 -13.33 -0.22
C PRO B 535 -2.07 -11.89 -0.70
N HIS B 536 -1.91 -10.91 0.19
CA HIS B 536 -1.99 -9.51 -0.21
C HIS B 536 -0.65 -8.82 -0.41
N TYR B 537 0.40 -9.43 0.12
CA TYR B 537 1.74 -8.85 0.06
C TYR B 537 2.16 -8.45 -1.34
N ILE B 538 1.89 -9.32 -2.31
CA ILE B 538 2.30 -9.04 -3.70
C ILE B 538 1.66 -7.78 -4.27
N LEU B 539 0.54 -7.35 -3.69
CA LEU B 539 -0.12 -6.17 -4.22
C LEU B 539 0.71 -4.91 -4.04
N ARG B 540 1.64 -4.91 -3.08
CA ARG B 540 2.52 -3.76 -2.93
C ARG B 540 3.43 -3.56 -4.14
N TRP B 541 3.61 -4.61 -4.94
CA TRP B 541 4.61 -4.60 -6.00
C TRP B 541 4.00 -4.57 -7.41
N THR B 542 2.70 -4.32 -7.48
CA THR B 542 2.04 -4.10 -8.76
C THR B 542 1.29 -2.77 -8.72
N SER B 543 1.24 -2.09 -9.86
CA SER B 543 0.50 -0.85 -10.01
C SER B 543 -0.48 -1.10 -11.14
N PRO B 544 -1.73 -1.47 -10.81
CA PRO B 544 -2.65 -1.94 -11.85
C PRO B 544 -3.06 -0.86 -12.87
N GLN B 545 -3.27 -1.32 -14.10
CA GLN B 545 -3.88 -0.50 -15.13
C GLN B 545 -5.19 -1.15 -15.48
N VAL B 546 -6.24 -0.36 -15.68
CA VAL B 546 -7.50 -0.92 -16.15
CA VAL B 546 -7.48 -0.93 -16.15
C VAL B 546 -7.79 -0.42 -17.55
N ILE B 547 -8.07 -1.36 -18.45
CA ILE B 547 -8.37 -1.06 -19.84
C ILE B 547 -9.85 -1.27 -20.10
N LYS B 548 -10.50 -0.27 -20.68
CA LYS B 548 -11.89 -0.39 -21.10
C LYS B 548 -11.91 -0.28 -22.62
N GLU B 549 -12.43 -1.31 -23.29
CA GLU B 549 -12.61 -1.26 -24.73
C GLU B 549 -14.09 -1.19 -25.02
N THR B 550 -14.48 -0.16 -25.75
CA THR B 550 -15.88 0.00 -26.11
C THR B 550 -16.09 -0.45 -27.55
N HIS B 551 -17.15 -1.23 -27.75
CA HIS B 551 -17.35 -1.97 -28.98
C HIS B 551 -18.39 -1.39 -29.93
N LYS B 552 -18.97 -0.26 -29.55
CA LYS B 552 -19.96 0.42 -30.39
C LYS B 552 -19.59 1.89 -30.50
N PRO B 553 -19.98 2.54 -31.61
CA PRO B 553 -19.75 3.98 -31.75
C PRO B 553 -20.42 4.76 -30.61
N LEU B 554 -19.81 5.89 -30.25
N LEU B 554 -19.89 5.94 -30.27
CA LEU B 554 -20.41 6.76 -29.27
CA LEU B 554 -20.30 6.66 -29.06
C LEU B 554 -21.50 7.55 -29.97
C LEU B 554 -21.58 7.50 -29.14
N GLY B 555 -22.44 8.06 -29.19
N GLY B 555 -21.85 8.10 -30.29
CA GLY B 555 -23.51 8.86 -29.74
CA GLY B 555 -23.06 8.90 -30.46
C GLY B 555 -23.14 10.32 -29.72
C GLY B 555 -22.87 10.40 -30.25
N ASP B 556 -24.15 11.17 -29.66
N ASP B 556 -23.91 11.05 -29.72
CA ASP B 556 -23.92 12.60 -29.61
CA ASP B 556 -23.91 12.50 -29.54
C ASP B 556 -23.32 12.99 -28.25
C ASP B 556 -23.20 12.93 -28.25
N TRP B 557 -22.75 14.18 -28.21
CA TRP B 557 -22.20 14.71 -26.96
C TRP B 557 -23.30 15.15 -26.01
N ARG B 558 -24.45 15.52 -26.56
CA ARG B 558 -25.59 15.93 -25.74
C ARG B 558 -26.21 14.74 -25.02
N TYR B 559 -27.02 15.04 -24.01
CA TYR B 559 -27.81 14.02 -23.31
C TYR B 559 -29.29 14.32 -23.56
N SER B 560 -30.09 13.27 -23.51
CA SER B 560 -31.53 13.38 -23.79
C SER B 560 -32.25 14.40 -22.89
N TYR B 561 -31.89 14.48 -21.60
CA TYR B 561 -32.57 15.40 -20.69
C TYR B 561 -32.38 16.88 -21.07
N MET B 562 -31.36 17.15 -21.87
CA MET B 562 -31.02 18.52 -22.26
C MET B 562 -31.97 19.11 -23.31
N GLN B 563 -32.75 18.26 -23.95
CA GLN B 563 -33.65 18.67 -25.03
C GLN B 563 -34.82 19.48 -24.50
#